data_8CNK
#
_entry.id   8CNK
#
_cell.length_a   1.00
_cell.length_b   1.00
_cell.length_c   1.00
_cell.angle_alpha   90.00
_cell.angle_beta   90.00
_cell.angle_gamma   90.00
#
_symmetry.space_group_name_H-M   'P 1'
#
loop_
_entity.id
_entity.type
_entity.pdbx_description
1 polymer 'Green-light absorbing proteorhodopsin'
2 non-polymer 'DECANOIC ACID'
#
_entity_poly.entity_id   1
_entity_poly.type   'polypeptide(L)'
_entity_poly.pdbx_seq_one_letter_code
;MAGGGDLDASDYTGVSFWLVTAALLASTVFFFVERDRVSAKWKTSLTVSGLVTGIAFWHYMYMRGVWIETGDSPTVFRYI
DWLLTVPLLICEFYLILAAATNVAGSLFKKLLVGSLVMLVFGYMGEAGIMAAWPAFIIGCLAWVYMIYELWAGEGKSACN
TASPAVQSAYNTMMYIIIFGWAIYPVGYFTGYLMGDGGSALNLNLIYNLADFVNKILFGLIIWNVAVKESSNAGHHHHH
;
_entity_poly.pdbx_strand_id   A,B,C,D,E
#
loop_
_chem_comp.id
_chem_comp.type
_chem_comp.name
_chem_comp.formula
DKA non-polymer 'DECANOIC ACID' 'C10 H20 O2'
#
# COMPACT_ATOMS: atom_id res chain seq x y z
N ASP A 6 -22.98 -11.08 -11.75
CA ASP A 6 -23.77 -10.61 -10.63
C ASP A 6 -24.16 -11.81 -9.92
N LEU A 7 -24.06 -11.66 -8.59
CA LEU A 7 -24.36 -12.58 -7.52
C LEU A 7 -25.76 -13.06 -7.55
N ASP A 8 -25.95 -14.27 -7.11
CA ASP A 8 -27.29 -14.87 -7.09
C ASP A 8 -28.11 -14.31 -5.94
N ALA A 9 -29.43 -14.40 -6.06
CA ALA A 9 -30.33 -13.90 -5.03
C ALA A 9 -31.07 -15.04 -4.34
N SER A 10 -30.76 -16.27 -4.74
CA SER A 10 -31.41 -17.45 -4.16
C SER A 10 -30.65 -17.95 -2.94
N ASP A 11 -29.32 -17.95 -3.01
CA ASP A 11 -28.51 -18.41 -1.90
C ASP A 11 -28.02 -17.27 -1.01
N TYR A 12 -28.66 -17.08 0.14
CA TYR A 12 -28.26 -16.02 1.06
C TYR A 12 -26.82 -16.20 1.54
N THR A 13 -26.30 -17.42 1.53
CA THR A 13 -24.93 -17.66 1.96
C THR A 13 -23.93 -16.97 1.03
N GLY A 14 -24.17 -17.03 -0.28
CA GLY A 14 -23.29 -16.35 -1.21
C GLY A 14 -23.27 -14.84 -1.01
N VAL A 15 -24.45 -14.27 -0.72
CA VAL A 15 -24.52 -12.84 -0.41
C VAL A 15 -23.72 -12.53 0.85
N SER A 16 -23.87 -13.36 1.88
CA SER A 16 -23.17 -13.12 3.14
C SER A 16 -21.66 -13.22 2.97
N PHE A 17 -21.19 -14.18 2.19
CA PHE A 17 -19.75 -14.31 1.97
C PHE A 17 -19.19 -13.06 1.31
N TRP A 18 -19.94 -12.48 0.39
CA TRP A 18 -19.51 -11.28 -0.30
C TRP A 18 -19.68 -10.03 0.57
N LEU A 19 -20.83 -9.95 1.26
CA LEU A 19 -21.12 -8.82 2.14
C LEU A 19 -20.16 -8.71 3.32
N VAL A 20 -19.84 -9.84 3.98
CA VAL A 20 -18.90 -9.86 5.09
C VAL A 20 -17.47 -9.54 4.64
N THR A 21 -17.02 -10.19 3.58
CA THR A 21 -15.68 -9.98 3.04
C THR A 21 -15.43 -8.49 2.78
N ALA A 22 -16.43 -7.79 2.27
CA ALA A 22 -16.29 -6.36 2.02
C ALA A 22 -16.21 -5.58 3.33
N ALA A 23 -16.99 -5.99 4.33
CA ALA A 23 -16.99 -5.29 5.60
C ALA A 23 -15.66 -5.47 6.33
N LEU A 24 -15.04 -6.64 6.20
CA LEU A 24 -13.76 -6.88 6.85
C LEU A 24 -12.63 -6.12 6.17
N LEU A 25 -12.74 -5.90 4.86
CA LEU A 25 -11.75 -5.08 4.18
C LEU A 25 -11.88 -3.62 4.60
N ALA A 26 -13.12 -3.12 4.71
CA ALA A 26 -13.32 -1.76 5.19
C ALA A 26 -12.87 -1.60 6.63
N SER A 27 -13.14 -2.60 7.47
CA SER A 27 -12.74 -2.53 8.87
C SER A 27 -11.22 -2.57 9.01
N THR A 28 -10.55 -3.37 8.19
CA THR A 28 -9.10 -3.45 8.26
C THR A 28 -8.45 -2.12 7.94
N VAL A 29 -8.93 -1.45 6.89
CA VAL A 29 -8.40 -0.14 6.54
C VAL A 29 -8.74 0.88 7.61
N PHE A 30 -9.94 0.78 8.18
CA PHE A 30 -10.35 1.72 9.22
C PHE A 30 -9.47 1.62 10.45
N PHE A 31 -9.16 0.40 10.89
CA PHE A 31 -8.40 0.22 12.12
C PHE A 31 -6.95 0.66 11.95
N PHE A 32 -6.33 0.33 10.81
CA PHE A 32 -4.95 0.72 10.59
C PHE A 32 -4.79 2.21 10.34
N VAL A 33 -5.81 2.85 9.79
CA VAL A 33 -5.76 4.28 9.53
C VAL A 33 -6.11 5.10 10.76
N GLU A 34 -7.04 4.63 11.59
CA GLU A 34 -7.48 5.35 12.78
C GLU A 34 -6.48 5.29 13.93
N ARG A 35 -5.27 4.77 13.70
CA ARG A 35 -4.23 4.84 14.71
C ARG A 35 -3.65 6.24 14.87
N ASP A 36 -3.99 7.17 13.96
CA ASP A 36 -3.56 8.55 14.11
C ASP A 36 -4.28 9.24 15.26
N ARG A 37 -5.53 8.87 15.52
CA ARG A 37 -6.33 9.52 16.54
C ARG A 37 -6.08 8.99 17.94
N VAL A 38 -5.23 7.98 18.09
CA VAL A 38 -5.04 7.33 19.38
C VAL A 38 -3.63 7.61 19.87
N SER A 39 -3.48 7.55 21.20
CA SER A 39 -2.20 7.77 21.87
C SER A 39 -1.26 6.59 21.61
N ALA A 40 0.03 6.83 21.76
CA ALA A 40 1.00 5.79 21.48
C ALA A 40 0.78 4.55 22.33
N LYS A 41 0.10 4.66 23.46
CA LYS A 41 -0.22 3.50 24.26
C LYS A 41 -1.29 2.62 23.63
N TRP A 42 -2.26 3.21 22.95
CA TRP A 42 -3.37 2.48 22.35
C TRP A 42 -3.11 2.10 20.90
N LYS A 43 -1.98 2.49 20.32
CA LYS A 43 -1.73 2.22 18.92
C LYS A 43 -1.59 0.73 18.65
N THR A 44 -1.10 -0.01 19.64
CA THR A 44 -0.92 -1.45 19.51
C THR A 44 -2.27 -2.16 19.56
N SER A 45 -3.22 -1.61 20.30
CA SER A 45 -4.55 -2.20 20.41
C SER A 45 -5.30 -2.13 19.10
N LEU A 46 -5.17 -1.00 18.40
CA LEU A 46 -5.84 -0.86 17.10
C LEU A 46 -5.13 -1.64 16.01
N THR A 47 -3.83 -1.87 16.17
CA THR A 47 -3.12 -2.71 15.20
C THR A 47 -3.62 -4.14 15.24
N VAL A 48 -3.79 -4.70 16.44
CA VAL A 48 -4.23 -6.08 16.58
C VAL A 48 -5.65 -6.26 16.05
N SER A 49 -6.49 -5.24 16.23
CA SER A 49 -7.83 -5.30 15.65
C SER A 49 -7.77 -5.34 14.14
N GLY A 50 -6.86 -4.58 13.54
CA GLY A 50 -6.70 -4.61 12.09
C GLY A 50 -6.16 -5.94 11.61
N LEU A 51 -5.29 -6.57 12.39
CA LEU A 51 -4.76 -7.88 12.03
C LEU A 51 -5.86 -8.94 12.04
N VAL A 52 -6.75 -8.88 13.03
CA VAL A 52 -7.83 -9.86 13.11
C VAL A 52 -8.74 -9.74 11.89
N THR A 53 -9.18 -8.52 11.58
CA THR A 53 -10.01 -8.31 10.40
C THR A 53 -9.22 -8.55 9.12
N GLY A 54 -7.93 -8.19 9.13
CA GLY A 54 -7.11 -8.41 7.95
C GLY A 54 -6.89 -9.89 7.65
N ILE A 55 -6.63 -10.69 8.69
CA ILE A 55 -6.49 -12.13 8.49
C ILE A 55 -7.83 -12.75 8.12
N ALA A 56 -8.91 -12.32 8.78
CA ALA A 56 -10.23 -12.86 8.47
C ALA A 56 -10.64 -12.53 7.04
N PHE A 57 -10.36 -11.30 6.59
CA PHE A 57 -10.64 -10.95 5.20
C PHE A 57 -9.83 -11.82 4.24
N TRP A 58 -8.55 -12.05 4.56
CA TRP A 58 -7.71 -12.85 3.69
C TRP A 58 -8.16 -14.30 3.63
N HIS A 59 -8.84 -14.74 4.68
CA HIS A 59 -9.36 -16.10 4.76
C HIS A 59 -10.75 -16.19 4.13
N TYR A 60 -11.51 -15.11 4.19
CA TYR A 60 -12.85 -15.10 3.60
C TYR A 60 -12.79 -15.08 2.09
N MET A 61 -11.75 -14.47 1.51
CA MET A 61 -11.58 -14.50 0.06
C MET A 61 -11.44 -15.93 -0.45
N TYR A 62 -10.59 -16.72 0.21
CA TYR A 62 -10.43 -18.12 -0.17
C TYR A 62 -11.70 -18.91 0.07
N MET A 63 -12.38 -18.66 1.21
CA MET A 63 -13.60 -19.38 1.50
C MET A 63 -14.71 -19.04 0.51
N ARG A 64 -14.77 -17.79 0.07
CA ARG A 64 -15.80 -17.41 -0.91
C ARG A 64 -15.63 -18.17 -2.20
N GLY A 65 -14.38 -18.35 -2.65
CA GLY A 65 -14.14 -19.13 -3.85
C GLY A 65 -14.55 -20.58 -3.68
N VAL A 66 -14.24 -21.16 -2.51
CA VAL A 66 -14.60 -22.55 -2.26
C VAL A 66 -16.11 -22.75 -2.34
N TRP A 67 -16.88 -21.78 -1.82
CA TRP A 67 -18.34 -21.91 -1.85
C TRP A 67 -18.87 -21.89 -3.28
N ILE A 68 -18.33 -21.00 -4.12
CA ILE A 68 -18.79 -20.94 -5.50
C ILE A 68 -18.31 -22.17 -6.28
N GLU A 69 -17.04 -22.54 -6.11
CA GLU A 69 -16.48 -23.65 -6.87
C GLU A 69 -17.08 -24.99 -6.48
N THR A 70 -17.30 -25.20 -5.17
CA THR A 70 -17.74 -26.49 -4.66
C THR A 70 -19.16 -26.46 -4.12
N GLY A 71 -19.48 -25.52 -3.25
CA GLY A 71 -20.78 -25.49 -2.60
C GLY A 71 -20.82 -26.14 -1.23
N ASP A 72 -19.68 -26.58 -0.71
CA ASP A 72 -19.60 -27.18 0.60
C ASP A 72 -18.93 -26.21 1.58
N SER A 73 -19.15 -26.46 2.86
CA SER A 73 -18.61 -25.58 3.89
C SER A 73 -17.10 -25.72 3.96
N PRO A 74 -16.34 -24.62 3.85
CA PRO A 74 -14.87 -24.67 3.99
C PRO A 74 -14.42 -24.76 5.44
N THR A 75 -14.66 -25.92 6.05
CA THR A 75 -14.38 -26.07 7.48
C THR A 75 -12.90 -25.89 7.79
N VAL A 76 -12.03 -26.48 6.96
CA VAL A 76 -10.59 -26.37 7.22
C VAL A 76 -10.13 -24.93 7.09
N PHE A 77 -10.59 -24.22 6.10
CA PHE A 77 -10.23 -22.82 5.99
C PHE A 77 -10.89 -22.05 7.14
N ARG A 78 -12.06 -22.44 7.57
CA ARG A 78 -12.74 -21.71 8.63
C ARG A 78 -11.96 -21.76 9.93
N TYR A 79 -11.58 -22.96 10.37
CA TYR A 79 -10.97 -23.12 11.69
C TYR A 79 -9.52 -22.66 11.72
N ILE A 80 -8.81 -22.70 10.58
CA ILE A 80 -7.46 -22.16 10.54
C ILE A 80 -7.47 -20.67 10.82
N ASP A 81 -8.45 -19.95 10.26
CA ASP A 81 -8.59 -18.53 10.54
C ASP A 81 -8.87 -18.28 12.02
N TRP A 82 -9.75 -19.09 12.61
CA TRP A 82 -10.04 -18.96 14.04
C TRP A 82 -8.81 -19.28 14.87
N LEU A 83 -8.03 -20.28 14.47
CA LEU A 83 -6.82 -20.62 15.21
C LEU A 83 -5.83 -19.48 15.22
N LEU A 84 -5.92 -18.57 14.26
CA LEU A 84 -4.98 -17.45 14.16
C LEU A 84 -5.55 -16.15 14.71
N THR A 85 -6.87 -15.95 14.64
CA THR A 85 -7.48 -14.70 15.06
C THR A 85 -8.01 -14.73 16.49
N VAL A 86 -8.45 -15.89 16.99
CA VAL A 86 -8.94 -15.96 18.37
C VAL A 86 -7.86 -15.60 19.38
N PRO A 87 -6.63 -16.10 19.28
CA PRO A 87 -5.60 -15.62 20.23
C PRO A 87 -5.37 -14.12 20.17
N LEU A 88 -5.46 -13.52 18.98
CA LEU A 88 -5.27 -12.08 18.88
C LEU A 88 -6.41 -11.31 19.54
N LEU A 89 -7.64 -11.85 19.48
CA LEU A 89 -8.75 -11.22 20.17
C LEU A 89 -8.59 -11.32 21.67
N ILE A 90 -8.06 -12.45 22.16
CA ILE A 90 -7.77 -12.57 23.59
C ILE A 90 -6.68 -11.60 24.00
N CYS A 91 -5.72 -11.36 23.10
CA CYS A 91 -4.68 -10.38 23.36
C CYS A 91 -5.24 -8.98 23.55
N GLU A 92 -6.42 -8.70 23.01
CA GLU A 92 -7.03 -7.38 23.17
C GLU A 92 -7.37 -7.11 24.63
N PHE A 93 -7.76 -8.13 25.37
CA PHE A 93 -8.03 -7.95 26.80
C PHE A 93 -6.77 -7.54 27.55
N TYR A 94 -5.63 -8.15 27.18
CA TYR A 94 -4.37 -7.77 27.80
C TYR A 94 -3.96 -6.36 27.40
N LEU A 95 -4.11 -6.02 26.13
CA LEU A 95 -3.60 -4.74 25.63
C LEU A 95 -4.34 -3.56 26.24
N ILE A 96 -5.67 -3.64 26.34
CA ILE A 96 -6.43 -2.51 26.88
C ILE A 96 -6.13 -2.33 28.36
N LEU A 97 -5.96 -3.42 29.10
CA LEU A 97 -5.59 -3.33 30.49
C LEU A 97 -4.14 -2.91 30.67
N ALA A 98 -3.32 -3.03 29.62
CA ALA A 98 -1.94 -2.57 29.68
C ALA A 98 -1.81 -1.11 29.27
N ALA A 99 -2.63 -0.66 28.32
CA ALA A 99 -2.61 0.72 27.88
C ALA A 99 -3.40 1.63 28.82
N ALA A 100 -4.08 1.08 29.81
CA ALA A 100 -4.80 1.84 30.82
C ALA A 100 -4.29 1.60 32.23
N THR A 101 -3.92 0.37 32.56
CA THR A 101 -3.43 0.04 33.90
C THR A 101 -2.14 -0.75 33.82
N ASN A 102 -1.69 -1.28 34.95
CA ASN A 102 -0.49 -2.10 35.04
C ASN A 102 -0.91 -3.53 35.39
N VAL A 103 -0.93 -4.40 34.38
CA VAL A 103 -1.39 -5.77 34.53
C VAL A 103 -0.28 -6.72 34.10
N ALA A 104 -0.02 -7.73 34.94
CA ALA A 104 0.96 -8.76 34.60
C ALA A 104 0.51 -9.58 33.40
N GLY A 105 -0.75 -10.00 33.40
CA GLY A 105 -1.32 -10.72 32.29
C GLY A 105 -1.46 -12.22 32.46
N SER A 106 -1.70 -12.70 33.68
CA SER A 106 -1.88 -14.14 33.88
C SER A 106 -3.24 -14.60 33.38
N LEU A 107 -4.24 -13.72 33.35
CA LEU A 107 -5.55 -14.10 32.84
C LEU A 107 -5.50 -14.42 31.35
N PHE A 108 -4.49 -13.89 30.65
CA PHE A 108 -4.34 -14.18 29.22
C PHE A 108 -4.13 -15.66 28.99
N LYS A 109 -3.31 -16.30 29.82
CA LYS A 109 -3.03 -17.72 29.65
C LYS A 109 -4.28 -18.57 29.87
N LYS A 110 -5.05 -18.24 30.90
CA LYS A 110 -6.24 -19.05 31.21
C LYS A 110 -7.30 -18.92 30.13
N LEU A 111 -7.48 -17.71 29.58
CA LEU A 111 -8.44 -17.54 28.49
C LEU A 111 -7.93 -18.20 27.21
N LEU A 112 -6.63 -18.09 26.93
CA LEU A 112 -6.09 -18.66 25.71
C LEU A 112 -6.22 -20.18 25.70
N VAL A 113 -5.94 -20.82 26.83
CA VAL A 113 -6.07 -22.28 26.90
C VAL A 113 -7.52 -22.70 26.68
N GLY A 114 -8.45 -21.98 27.32
CA GLY A 114 -9.86 -22.28 27.12
C GLY A 114 -10.31 -22.05 25.69
N SER A 115 -9.81 -20.99 25.06
CA SER A 115 -10.19 -20.71 23.68
C SER A 115 -9.69 -21.79 22.74
N LEU A 116 -8.45 -22.25 22.93
CA LEU A 116 -7.90 -23.30 22.07
C LEU A 116 -8.70 -24.59 22.20
N VAL A 117 -9.11 -24.94 23.41
CA VAL A 117 -9.91 -26.15 23.62
C VAL A 117 -11.23 -26.04 22.87
N MET A 118 -11.87 -24.86 22.93
CA MET A 118 -13.13 -24.66 22.22
C MET A 118 -12.97 -24.78 20.72
N LEU A 119 -11.81 -24.42 20.18
CA LEU A 119 -11.56 -24.50 18.75
C LEU A 119 -11.06 -25.87 18.31
N VAL A 120 -10.20 -26.51 19.09
CA VAL A 120 -9.67 -27.83 18.72
C VAL A 120 -10.81 -28.85 18.67
N PHE A 121 -11.65 -28.88 19.69
CA PHE A 121 -12.76 -29.82 19.70
C PHE A 121 -13.83 -29.44 18.70
N GLY A 122 -14.01 -28.14 18.45
CA GLY A 122 -14.99 -27.71 17.46
C GLY A 122 -14.65 -28.19 16.06
N TYR A 123 -13.38 -28.12 15.69
CA TYR A 123 -12.96 -28.60 14.37
C TYR A 123 -13.14 -30.11 14.26
N MET A 124 -12.83 -30.84 15.34
CA MET A 124 -12.95 -32.30 15.30
C MET A 124 -14.40 -32.73 15.09
N GLY A 125 -15.34 -32.04 15.73
CA GLY A 125 -16.74 -32.39 15.56
C GLY A 125 -17.23 -32.22 14.13
N GLU A 126 -16.74 -31.19 13.45
CA GLU A 126 -17.11 -30.90 12.06
C GLU A 126 -16.39 -31.78 11.08
N ALA A 127 -15.35 -32.45 11.55
CA ALA A 127 -14.62 -33.40 10.73
C ALA A 127 -14.99 -34.85 11.02
N GLY A 128 -15.97 -35.08 11.89
CA GLY A 128 -16.40 -36.43 12.22
C GLY A 128 -15.68 -37.07 13.39
N ILE A 129 -14.65 -36.42 13.94
CA ILE A 129 -13.91 -36.97 15.07
C ILE A 129 -14.73 -36.75 16.34
N MET A 130 -14.91 -37.82 17.12
CA MET A 130 -15.68 -37.78 18.35
C MET A 130 -17.12 -37.35 18.09
N ALA A 131 -17.67 -37.80 16.97
CA ALA A 131 -19.06 -37.52 16.56
C ALA A 131 -19.26 -36.00 16.53
N ALA A 132 -20.47 -35.54 16.84
CA ALA A 132 -20.76 -34.12 16.89
C ALA A 132 -21.40 -33.69 18.20
N TRP A 133 -22.26 -34.53 18.79
CA TRP A 133 -22.87 -34.18 20.07
C TRP A 133 -21.85 -34.04 21.20
N PRO A 134 -20.92 -34.98 21.40
CA PRO A 134 -19.89 -34.75 22.45
C PRO A 134 -19.05 -33.52 22.19
N ALA A 135 -18.75 -33.21 20.92
CA ALA A 135 -17.97 -32.02 20.62
C ALA A 135 -18.71 -30.75 20.99
N PHE A 136 -20.03 -30.73 20.75
CA PHE A 136 -20.82 -29.56 21.13
C PHE A 136 -20.80 -29.33 22.63
N ILE A 137 -20.89 -30.41 23.41
CA ILE A 137 -20.86 -30.28 24.86
C ILE A 137 -19.49 -29.80 25.33
N ILE A 138 -18.42 -30.40 24.81
CA ILE A 138 -17.08 -30.01 25.22
C ILE A 138 -16.78 -28.57 24.79
N GLY A 139 -17.17 -28.21 23.57
CA GLY A 139 -16.97 -26.83 23.13
C GLY A 139 -17.74 -25.84 23.98
N CYS A 140 -18.93 -26.23 24.44
CA CYS A 140 -19.71 -25.38 25.33
C CYS A 140 -18.99 -25.20 26.67
N LEU A 141 -18.44 -26.29 27.22
CA LEU A 141 -17.80 -26.21 28.54
C LEU A 141 -16.58 -25.30 28.51
N ALA A 142 -15.77 -25.39 27.45
CA ALA A 142 -14.65 -24.46 27.31
C ALA A 142 -15.15 -23.03 27.19
N TRP A 143 -16.29 -22.83 26.53
CA TRP A 143 -16.90 -21.51 26.48
C TRP A 143 -17.46 -21.11 27.85
N VAL A 144 -17.92 -22.09 28.63
CA VAL A 144 -18.38 -21.79 29.99
C VAL A 144 -17.21 -21.41 30.88
N TYR A 145 -16.06 -22.05 30.69
CA TYR A 145 -14.87 -21.65 31.43
C TYR A 145 -14.41 -20.25 31.04
N MET A 146 -14.66 -19.87 29.78
CA MET A 146 -14.23 -18.56 29.31
C MET A 146 -14.94 -17.43 30.04
N ILE A 147 -16.25 -17.58 30.22
CA ILE A 147 -17.05 -16.56 30.89
C ILE A 147 -16.81 -16.48 32.39
N TYR A 148 -16.43 -17.60 33.00
CA TYR A 148 -16.18 -17.63 34.44
C TYR A 148 -14.92 -16.85 34.80
N GLU A 149 -13.87 -16.97 33.99
CA GLU A 149 -12.63 -16.29 34.31
C GLU A 149 -12.73 -14.78 34.09
N LEU A 150 -13.66 -14.33 33.25
CA LEU A 150 -13.88 -12.90 33.10
C LEU A 150 -14.65 -12.30 34.27
N TRP A 151 -15.58 -13.06 34.85
CA TRP A 151 -16.26 -12.59 36.06
C TRP A 151 -15.28 -12.45 37.22
N ALA A 152 -14.39 -13.43 37.38
CA ALA A 152 -13.42 -13.46 38.47
C ALA A 152 -12.05 -13.83 37.90
N GLY A 153 -11.10 -12.92 38.02
CA GLY A 153 -9.76 -13.17 37.52
C GLY A 153 -8.91 -11.94 37.68
N GLU A 154 -7.71 -12.00 37.07
CA GLU A 154 -6.80 -10.86 37.13
C GLU A 154 -7.37 -9.67 36.39
N GLY A 155 -8.07 -9.90 35.27
CA GLY A 155 -8.68 -8.82 34.53
C GLY A 155 -9.73 -8.08 35.33
N LYS A 156 -10.56 -8.82 36.07
CA LYS A 156 -11.56 -8.18 36.92
C LYS A 156 -10.90 -7.33 37.99
N SER A 157 -9.82 -7.83 38.58
CA SER A 157 -9.05 -7.02 39.53
C SER A 157 -8.42 -5.83 38.84
N ALA A 158 -7.89 -6.03 37.63
CA ALA A 158 -7.27 -4.93 36.90
C ALA A 158 -8.29 -3.92 36.41
N CYS A 159 -9.48 -4.38 36.00
CA CYS A 159 -10.49 -3.47 35.49
C CYS A 159 -11.03 -2.55 36.58
N ASN A 160 -10.92 -2.96 37.86
CA ASN A 160 -11.43 -2.13 38.94
C ASN A 160 -10.70 -0.80 39.04
N THR A 161 -9.37 -0.83 38.86
CA THR A 161 -8.55 0.37 39.00
C THR A 161 -8.52 1.23 37.74
N ALA A 162 -9.16 0.81 36.66
CA ALA A 162 -9.09 1.55 35.41
C ALA A 162 -10.09 2.70 35.40
N SER A 163 -10.02 3.52 34.36
CA SER A 163 -10.93 4.64 34.21
C SER A 163 -12.33 4.14 33.87
N PRO A 164 -13.37 4.94 34.17
CA PRO A 164 -14.73 4.49 33.84
C PRO A 164 -14.94 4.23 32.36
N ALA A 165 -14.24 4.95 31.49
CA ALA A 165 -14.34 4.67 30.05
C ALA A 165 -13.78 3.30 29.72
N VAL A 166 -12.65 2.94 30.33
CA VAL A 166 -12.06 1.62 30.08
C VAL A 166 -12.93 0.53 30.69
N GLN A 167 -13.52 0.79 31.86
CA GLN A 167 -14.37 -0.20 32.50
C GLN A 167 -15.59 -0.51 31.64
N SER A 168 -16.19 0.51 31.04
CA SER A 168 -17.33 0.29 30.15
C SER A 168 -16.93 -0.56 28.95
N ALA A 169 -15.75 -0.28 28.38
CA ALA A 169 -15.27 -1.09 27.26
C ALA A 169 -15.02 -2.52 27.68
N TYR A 170 -14.40 -2.72 28.85
CA TYR A 170 -14.11 -4.07 29.32
C TYR A 170 -15.40 -4.86 29.54
N ASN A 171 -16.43 -4.23 30.10
CA ASN A 171 -17.71 -4.90 30.27
C ASN A 171 -18.35 -5.20 28.92
N THR A 172 -18.25 -4.27 27.97
CA THR A 172 -18.81 -4.51 26.64
C THR A 172 -18.08 -5.64 25.93
N MET A 173 -16.76 -5.68 26.04
CA MET A 173 -15.99 -6.77 25.45
C MET A 173 -16.36 -8.10 26.09
N MET A 174 -16.55 -8.10 27.40
CA MET A 174 -16.97 -9.32 28.09
C MET A 174 -18.33 -9.80 27.60
N TYR A 175 -19.24 -8.85 27.36
CA TYR A 175 -20.56 -9.19 26.86
C TYR A 175 -20.43 -9.85 25.50
N ILE A 176 -19.58 -9.29 24.64
CA ILE A 176 -19.36 -9.86 23.32
C ILE A 176 -18.91 -11.31 23.45
N ILE A 177 -18.08 -11.61 24.45
CA ILE A 177 -17.73 -12.99 24.73
C ILE A 177 -18.96 -13.79 25.13
N ILE A 178 -19.86 -13.14 25.87
CA ILE A 178 -21.08 -13.78 26.34
C ILE A 178 -22.11 -14.07 25.25
N PHE A 179 -22.54 -13.03 24.55
CA PHE A 179 -23.55 -13.17 23.51
C PHE A 179 -22.91 -13.53 22.17
N GLY A 180 -21.88 -12.78 21.78
CA GLY A 180 -21.31 -12.97 20.45
C GLY A 180 -20.71 -14.34 20.24
N TRP A 181 -19.93 -14.81 21.21
CA TRP A 181 -19.32 -16.13 21.08
C TRP A 181 -20.35 -17.24 21.27
N ALA A 182 -21.53 -16.89 21.78
CA ALA A 182 -22.58 -17.89 21.95
C ALA A 182 -23.23 -18.26 20.62
N ILE A 183 -23.11 -17.39 19.62
CA ILE A 183 -23.77 -17.64 18.34
C ILE A 183 -23.03 -18.72 17.55
N TYR A 184 -21.75 -18.95 17.84
CA TYR A 184 -21.04 -20.04 17.16
C TYR A 184 -21.64 -21.40 17.48
N PRO A 185 -21.89 -21.77 18.74
CA PRO A 185 -22.62 -23.02 18.99
C PRO A 185 -24.00 -23.06 18.37
N VAL A 186 -24.65 -21.90 18.18
CA VAL A 186 -25.94 -21.86 17.51
C VAL A 186 -25.79 -22.33 16.07
N GLY A 187 -24.76 -21.82 15.38
CA GLY A 187 -24.50 -22.29 14.02
C GLY A 187 -24.06 -23.74 14.00
N TYR A 188 -23.27 -24.15 14.99
CA TYR A 188 -22.88 -25.56 15.09
C TYR A 188 -24.09 -26.45 15.31
N PHE A 189 -25.01 -26.02 16.17
CA PHE A 189 -26.24 -26.79 16.39
C PHE A 189 -27.09 -26.81 15.13
N THR A 190 -27.20 -25.67 14.44
CA THR A 190 -28.03 -25.61 13.23
C THR A 190 -27.45 -26.47 12.12
N GLY A 191 -26.13 -26.45 11.95
CA GLY A 191 -25.52 -27.16 10.84
C GLY A 191 -25.33 -28.64 11.03
N TYR A 192 -25.57 -29.17 12.24
CA TYR A 192 -25.41 -30.59 12.49
C TYR A 192 -26.51 -31.20 13.34
N LEU A 193 -27.48 -30.42 13.81
CA LEU A 193 -28.57 -30.95 14.62
C LEU A 193 -29.88 -30.27 14.29
N SER A 199 -28.74 -27.12 6.24
CA SER A 199 -27.69 -27.46 7.20
C SER A 199 -26.42 -26.66 6.92
N ALA A 200 -25.74 -27.00 5.82
CA ALA A 200 -24.51 -26.29 5.46
C ALA A 200 -24.80 -24.84 5.11
N LEU A 201 -25.92 -24.58 4.42
CA LEU A 201 -26.27 -23.21 4.03
C LEU A 201 -26.45 -22.33 5.25
N ASN A 202 -27.18 -22.82 6.25
CA ASN A 202 -27.44 -22.02 7.44
C ASN A 202 -26.20 -21.90 8.32
N LEU A 203 -25.39 -22.96 8.39
CA LEU A 203 -24.19 -22.92 9.21
C LEU A 203 -23.21 -21.87 8.71
N ASN A 204 -23.00 -21.81 7.40
CA ASN A 204 -22.10 -20.80 6.85
C ASN A 204 -22.68 -19.40 7.00
N LEU A 205 -23.99 -19.26 6.87
CA LEU A 205 -24.63 -17.95 7.03
C LEU A 205 -24.42 -17.42 8.45
N ILE A 206 -24.61 -18.28 9.45
CA ILE A 206 -24.45 -17.85 10.84
C ILE A 206 -22.99 -17.50 11.12
N TYR A 207 -22.06 -18.32 10.63
CA TYR A 207 -20.65 -18.07 10.87
C TYR A 207 -20.20 -16.76 10.22
N ASN A 208 -20.78 -16.45 9.07
CA ASN A 208 -20.47 -15.22 8.36
C ASN A 208 -20.92 -14.02 9.19
N LEU A 209 -22.14 -14.10 9.70
CA LEU A 209 -22.69 -13.03 10.53
C LEU A 209 -21.99 -12.95 11.88
N ALA A 210 -21.47 -14.08 12.36
CA ALA A 210 -20.76 -14.09 13.64
C ALA A 210 -19.50 -13.25 13.58
N ASP A 211 -18.73 -13.37 12.49
CA ASP A 211 -17.51 -12.58 12.38
C ASP A 211 -17.81 -11.11 12.15
N PHE A 212 -19.05 -10.79 11.77
CA PHE A 212 -19.44 -9.39 11.65
C PHE A 212 -19.50 -8.73 13.03
N VAL A 213 -19.87 -9.49 14.05
CA VAL A 213 -19.99 -8.95 15.40
C VAL A 213 -18.70 -9.16 16.18
N ASN A 214 -18.19 -10.39 16.17
CA ASN A 214 -17.10 -10.73 17.07
C ASN A 214 -15.75 -10.22 16.58
N LYS A 215 -15.69 -9.74 15.34
CA LYS A 215 -14.42 -9.24 14.79
C LYS A 215 -14.45 -7.75 14.43
N ILE A 216 -15.63 -7.25 14.08
CA ILE A 216 -15.78 -5.84 13.69
C ILE A 216 -16.33 -5.02 14.84
N LEU A 217 -17.43 -5.47 15.45
CA LEU A 217 -17.95 -4.76 16.62
C LEU A 217 -16.99 -4.82 17.79
N PHE A 218 -16.26 -5.93 17.91
CA PHE A 218 -15.23 -6.03 18.94
C PHE A 218 -14.14 -4.99 18.73
N GLY A 219 -13.72 -4.79 17.48
CA GLY A 219 -12.68 -3.82 17.22
C GLY A 219 -13.17 -2.39 17.28
N LEU A 220 -14.47 -2.17 17.08
CA LEU A 220 -15.02 -0.82 17.18
C LEU A 220 -15.13 -0.38 18.63
N ILE A 221 -15.33 -1.32 19.55
CA ILE A 221 -15.32 -0.99 20.97
C ILE A 221 -13.92 -0.56 21.39
N ILE A 222 -12.89 -1.23 20.87
CA ILE A 222 -11.51 -0.85 21.18
C ILE A 222 -11.21 0.54 20.66
N TRP A 223 -11.65 0.83 19.43
CA TRP A 223 -11.38 2.14 18.84
C TRP A 223 -12.09 3.25 19.60
N ASN A 224 -13.33 3.00 20.02
CA ASN A 224 -14.09 4.02 20.72
C ASN A 224 -13.45 4.40 22.06
N VAL A 225 -13.00 3.39 22.81
CA VAL A 225 -12.40 3.68 24.11
C VAL A 225 -11.02 4.29 23.95
N ALA A 226 -10.27 3.87 22.92
CA ALA A 226 -8.95 4.44 22.69
C ALA A 226 -9.03 5.91 22.31
N VAL A 227 -10.02 6.26 21.49
CA VAL A 227 -10.15 7.65 21.05
C VAL A 227 -10.59 8.54 22.20
N LYS A 228 -11.51 8.05 23.05
CA LYS A 228 -11.94 8.83 24.19
C LYS A 228 -10.80 9.09 25.16
N GLU A 229 -9.97 8.07 25.41
CA GLU A 229 -8.84 8.24 26.32
C GLU A 229 -7.76 9.13 25.71
N SER A 230 -7.49 8.97 24.42
CA SER A 230 -6.44 9.77 23.79
C SER A 230 -6.79 11.24 23.74
N SER A 231 -8.06 11.57 23.48
CA SER A 231 -8.47 12.96 23.43
C SER A 231 -8.30 13.65 24.78
N ASN A 232 -8.49 12.88 25.86
CA ASN A 232 -8.30 13.44 27.20
C ASN A 232 -6.85 13.89 27.39
N ALA A 233 -5.89 13.08 26.95
CA ALA A 233 -4.49 13.48 27.03
C ALA A 233 -4.15 14.52 25.97
N GLY A 234 -4.73 14.38 24.78
CA GLY A 234 -4.46 15.30 23.70
C GLY A 234 -3.44 14.77 22.71
N ASP B 6 -9.58 -1.16 -26.31
CA ASP B 6 -10.13 0.17 -26.17
C ASP B 6 -11.57 -0.01 -26.15
N LEU B 7 -12.17 0.76 -25.23
CA LEU B 7 -13.56 0.90 -24.89
C LEU B 7 -14.40 1.32 -26.06
N ASP B 8 -15.61 0.88 -26.07
CA ASP B 8 -16.53 1.22 -27.16
C ASP B 8 -17.03 2.65 -27.00
N ALA B 9 -17.48 3.24 -28.11
CA ALA B 9 -18.00 4.59 -28.09
C ALA B 9 -19.50 4.63 -28.38
N SER B 10 -20.09 3.45 -28.53
CA SER B 10 -21.51 3.34 -28.81
C SER B 10 -22.32 3.27 -27.52
N ASP B 11 -21.83 2.53 -26.53
CA ASP B 11 -22.55 2.40 -25.27
C ASP B 11 -22.01 3.36 -24.21
N TYR B 12 -22.73 4.44 -23.95
CA TYR B 12 -22.31 5.40 -22.94
C TYR B 12 -22.22 4.78 -21.55
N THR B 13 -22.96 3.70 -21.30
CA THR B 13 -22.91 3.04 -20.01
C THR B 13 -21.53 2.45 -19.73
N GLY B 14 -20.92 1.84 -20.75
CA GLY B 14 -19.59 1.30 -20.57
C GLY B 14 -18.56 2.37 -20.25
N VAL B 15 -18.69 3.53 -20.90
CA VAL B 15 -17.82 4.66 -20.60
C VAL B 15 -18.01 5.11 -19.16
N SER B 16 -19.26 5.21 -18.73
CA SER B 16 -19.56 5.67 -17.38
C SER B 16 -19.02 4.71 -16.33
N PHE B 17 -19.15 3.41 -16.57
CA PHE B 17 -18.63 2.43 -15.61
C PHE B 17 -17.13 2.58 -15.44
N TRP B 18 -16.43 2.87 -16.53
CA TRP B 18 -14.98 3.04 -16.50
C TRP B 18 -14.60 4.41 -15.93
N LEU B 19 -15.32 5.45 -16.36
CA LEU B 19 -15.07 6.80 -15.89
C LEU B 19 -15.27 6.93 -14.39
N VAL B 20 -16.42 6.46 -13.90
CA VAL B 20 -16.74 6.54 -12.48
C VAL B 20 -15.75 5.74 -11.62
N THR B 21 -15.49 4.50 -12.02
CA THR B 21 -14.58 3.63 -11.29
C THR B 21 -13.23 4.31 -11.09
N ALA B 22 -12.75 5.03 -12.11
CA ALA B 22 -11.48 5.74 -11.97
C ALA B 22 -11.61 6.91 -11.00
N ALA B 23 -12.74 7.62 -11.03
CA ALA B 23 -12.93 8.75 -10.14
C ALA B 23 -13.02 8.31 -8.68
N LEU B 24 -13.61 7.15 -8.44
CA LEU B 24 -13.74 6.65 -7.06
C LEU B 24 -12.39 6.18 -6.53
N LEU B 25 -11.53 5.67 -7.41
CA LEU B 25 -10.18 5.30 -6.98
C LEU B 25 -9.36 6.54 -6.64
N ALA B 26 -9.47 7.59 -7.46
CA ALA B 26 -8.79 8.84 -7.16
C ALA B 26 -9.33 9.47 -5.89
N SER B 27 -10.65 9.43 -5.70
CA SER B 27 -11.25 10.02 -4.50
C SER B 27 -10.83 9.26 -3.25
N THR B 28 -10.74 7.93 -3.34
CA THR B 28 -10.35 7.13 -2.19
C THR B 28 -8.94 7.48 -1.73
N VAL B 29 -8.01 7.60 -2.68
CA VAL B 29 -6.64 7.98 -2.33
C VAL B 29 -6.60 9.40 -1.81
N PHE B 30 -7.41 10.29 -2.38
CA PHE B 30 -7.42 11.68 -1.94
C PHE B 30 -7.88 11.80 -0.50
N PHE B 31 -8.95 11.08 -0.13
CA PHE B 31 -9.51 11.23 1.21
C PHE B 31 -8.59 10.63 2.27
N PHE B 32 -7.99 9.48 2.00
CA PHE B 32 -7.10 8.86 2.97
C PHE B 32 -5.78 9.60 3.10
N VAL B 33 -5.35 10.28 2.04
CA VAL B 33 -4.09 11.03 2.10
C VAL B 33 -4.30 12.42 2.69
N GLU B 34 -5.44 13.06 2.43
CA GLU B 34 -5.70 14.40 2.93
C GLU B 34 -6.07 14.45 4.40
N ARG B 35 -5.91 13.35 5.13
CA ARG B 35 -6.06 13.37 6.59
C ARG B 35 -4.90 14.05 7.28
N ASP B 36 -3.82 14.35 6.57
CA ASP B 36 -2.71 15.10 7.16
C ASP B 36 -3.08 16.55 7.41
N ARG B 37 -3.93 17.12 6.56
CA ARG B 37 -4.29 18.52 6.65
C ARG B 37 -5.39 18.80 7.66
N VAL B 38 -5.95 17.77 8.29
CA VAL B 38 -7.10 17.95 9.18
C VAL B 38 -6.68 17.63 10.60
N SER B 39 -7.37 18.26 11.54
CA SER B 39 -7.12 18.04 12.96
C SER B 39 -7.54 16.62 13.35
N ALA B 40 -7.07 16.18 14.52
CA ALA B 40 -7.37 14.83 14.96
C ALA B 40 -8.86 14.60 15.18
N LYS B 41 -9.64 15.66 15.37
CA LYS B 41 -11.09 15.52 15.49
C LYS B 41 -11.75 15.17 14.17
N TRP B 42 -11.26 15.71 13.07
CA TRP B 42 -11.85 15.51 11.75
C TRP B 42 -11.23 14.35 10.99
N LYS B 43 -10.22 13.68 11.56
CA LYS B 43 -9.56 12.61 10.83
C LYS B 43 -10.48 11.42 10.61
N THR B 44 -11.42 11.22 11.51
CA THR B 44 -12.38 10.12 11.39
C THR B 44 -13.41 10.40 10.31
N SER B 45 -13.72 11.68 10.11
CA SER B 45 -14.69 12.07 9.08
C SER B 45 -14.14 11.81 7.68
N LEU B 46 -12.86 12.09 7.47
CA LEU B 46 -12.26 11.85 6.17
C LEU B 46 -11.98 10.37 5.94
N THR B 47 -11.82 9.59 7.01
CA THR B 47 -11.65 8.16 6.86
C THR B 47 -12.93 7.52 6.33
N VAL B 48 -14.08 7.91 6.88
CA VAL B 48 -15.35 7.31 6.47
C VAL B 48 -15.66 7.67 5.02
N SER B 49 -15.29 8.89 4.60
CA SER B 49 -15.47 9.26 3.20
C SER B 49 -14.63 8.37 2.29
N GLY B 50 -13.40 8.06 2.72
CA GLY B 50 -12.57 7.16 1.93
C GLY B 50 -13.10 5.74 1.88
N LEU B 51 -13.72 5.31 2.98
CA LEU B 51 -14.32 3.97 2.99
C LEU B 51 -15.50 3.89 2.03
N VAL B 52 -16.32 4.94 1.97
CA VAL B 52 -17.47 4.94 1.07
C VAL B 52 -17.01 4.84 -0.38
N THR B 53 -16.06 5.70 -0.77
CA THR B 53 -15.53 5.63 -2.12
C THR B 53 -14.71 4.37 -2.34
N GLY B 54 -14.01 3.91 -1.30
CA GLY B 54 -13.24 2.68 -1.42
C GLY B 54 -14.10 1.46 -1.62
N ILE B 55 -15.20 1.36 -0.86
CA ILE B 55 -16.12 0.24 -1.05
C ILE B 55 -16.84 0.36 -2.39
N ALA B 56 -17.26 1.57 -2.75
CA ALA B 56 -17.94 1.77 -4.03
C ALA B 56 -17.02 1.43 -5.20
N PHE B 57 -15.75 1.83 -5.12
CA PHE B 57 -14.81 1.45 -6.16
C PHE B 57 -14.65 -0.06 -6.25
N TRP B 58 -14.56 -0.72 -5.10
CA TRP B 58 -14.37 -2.17 -5.08
C TRP B 58 -15.59 -2.89 -5.64
N HIS B 59 -16.75 -2.24 -5.55
CA HIS B 59 -18.00 -2.80 -6.06
C HIS B 59 -18.18 -2.46 -7.54
N TYR B 60 -17.66 -1.31 -7.97
CA TYR B 60 -17.78 -0.90 -9.36
C TYR B 60 -16.89 -1.74 -10.26
N MET B 61 -15.76 -2.23 -9.75
CA MET B 61 -14.91 -3.11 -10.53
C MET B 61 -15.65 -4.39 -10.90
N TYR B 62 -16.32 -5.01 -9.93
CA TYR B 62 -17.11 -6.20 -10.21
C TYR B 62 -18.28 -5.89 -11.14
N MET B 63 -18.95 -4.77 -10.92
CA MET B 63 -20.09 -4.40 -11.76
C MET B 63 -19.64 -4.14 -13.19
N ARG B 64 -18.48 -3.53 -13.38
CA ARG B 64 -17.99 -3.24 -14.73
C ARG B 64 -17.78 -4.53 -15.50
N GLY B 65 -17.23 -5.56 -14.84
CA GLY B 65 -17.08 -6.85 -15.49
C GLY B 65 -18.41 -7.47 -15.87
N VAL B 66 -19.39 -7.38 -14.98
CA VAL B 66 -20.70 -7.95 -15.25
C VAL B 66 -21.32 -7.31 -16.49
N TRP B 67 -21.15 -5.99 -16.65
CA TRP B 67 -21.72 -5.31 -17.79
C TRP B 67 -21.09 -5.79 -19.10
N ILE B 68 -19.76 -5.95 -19.12
CA ILE B 68 -19.09 -6.42 -20.32
C ILE B 68 -19.41 -7.88 -20.59
N GLU B 69 -19.36 -8.72 -19.54
CA GLU B 69 -19.56 -10.15 -19.72
C GLU B 69 -21.01 -10.47 -20.09
N THR B 70 -21.97 -9.80 -19.47
CA THR B 70 -23.38 -10.12 -19.64
C THR B 70 -24.15 -9.05 -20.40
N GLY B 71 -24.04 -7.78 -19.99
CA GLY B 71 -24.82 -6.72 -20.57
C GLY B 71 -26.09 -6.38 -19.83
N ASP B 72 -26.34 -6.99 -18.68
CA ASP B 72 -27.51 -6.72 -17.86
C ASP B 72 -27.09 -5.92 -16.62
N SER B 73 -28.08 -5.28 -16.01
CA SER B 73 -27.81 -4.44 -14.85
C SER B 73 -27.43 -5.30 -13.66
N PRO B 74 -26.29 -5.05 -13.01
CA PRO B 74 -25.89 -5.80 -11.81
C PRO B 74 -26.63 -5.31 -10.56
N THR B 75 -27.92 -5.61 -10.50
CA THR B 75 -28.75 -5.09 -9.40
C THR B 75 -28.27 -5.60 -8.06
N VAL B 76 -27.96 -6.90 -7.96
CA VAL B 76 -27.54 -7.47 -6.69
C VAL B 76 -26.22 -6.85 -6.24
N PHE B 77 -25.30 -6.65 -7.13
CA PHE B 77 -24.06 -6.01 -6.75
C PHE B 77 -24.34 -4.55 -6.45
N ARG B 78 -25.28 -3.93 -7.13
CA ARG B 78 -25.55 -2.52 -6.91
C ARG B 78 -26.06 -2.26 -5.49
N TYR B 79 -27.07 -3.01 -5.07
CA TYR B 79 -27.72 -2.73 -3.79
C TYR B 79 -26.90 -3.20 -2.60
N ILE B 80 -26.05 -4.22 -2.78
CA ILE B 80 -25.16 -4.62 -1.70
C ILE B 80 -24.20 -3.50 -1.36
N ASP B 81 -23.68 -2.81 -2.38
CA ASP B 81 -22.81 -1.67 -2.13
C ASP B 81 -23.56 -0.55 -1.41
N TRP B 82 -24.80 -0.29 -1.80
CA TRP B 82 -25.59 0.73 -1.12
C TRP B 82 -25.89 0.32 0.32
N LEU B 83 -26.15 -0.97 0.54
CA LEU B 83 -26.41 -1.44 1.90
C LEU B 83 -25.22 -1.23 2.81
N LEU B 84 -24.01 -1.12 2.24
CA LEU B 84 -22.81 -0.94 3.03
C LEU B 84 -22.33 0.50 3.10
N THR B 85 -22.59 1.29 2.06
CA THR B 85 -22.09 2.67 2.00
C THR B 85 -23.10 3.70 2.49
N VAL B 86 -24.40 3.46 2.31
CA VAL B 86 -25.41 4.42 2.78
C VAL B 86 -25.34 4.62 4.29
N PRO B 87 -25.23 3.58 5.13
CA PRO B 87 -25.05 3.85 6.56
C PRO B 87 -23.81 4.67 6.89
N LEU B 88 -22.72 4.46 6.15
CA LEU B 88 -21.51 5.23 6.40
C LEU B 88 -21.70 6.70 6.02
N LEU B 89 -22.48 6.97 4.97
CA LEU B 89 -22.78 8.35 4.61
C LEU B 89 -23.65 9.02 5.68
N ILE B 90 -24.59 8.27 6.26
CA ILE B 90 -25.38 8.81 7.35
C ILE B 90 -24.50 9.06 8.57
N CYS B 91 -23.49 8.22 8.78
CA CYS B 91 -22.55 8.44 9.87
C CYS B 91 -21.79 9.75 9.71
N GLU B 92 -21.68 10.27 8.49
CA GLU B 92 -20.98 11.54 8.28
C GLU B 92 -21.70 12.69 8.97
N PHE B 93 -23.05 12.64 9.00
CA PHE B 93 -23.79 13.68 9.71
C PHE B 93 -23.48 13.66 11.20
N TYR B 94 -23.34 12.47 11.77
CA TYR B 94 -22.97 12.37 13.18
C TYR B 94 -21.55 12.84 13.41
N LEU B 95 -20.62 12.45 12.54
CA LEU B 95 -19.20 12.74 12.77
C LEU B 95 -18.91 14.23 12.72
N ILE B 96 -19.49 14.95 11.75
CA ILE B 96 -19.20 16.38 11.64
C ILE B 96 -19.79 17.13 12.82
N LEU B 97 -20.98 16.73 13.27
CA LEU B 97 -21.56 17.36 14.45
C LEU B 97 -20.85 16.94 15.73
N ALA B 98 -20.06 15.86 15.68
CA ALA B 98 -19.29 15.44 16.85
C ALA B 98 -17.91 16.09 16.85
N ALA B 99 -17.32 16.30 15.68
CA ALA B 99 -16.03 16.97 15.59
C ALA B 99 -16.14 18.49 15.68
N ALA B 100 -17.35 19.02 15.70
CA ALA B 100 -17.58 20.45 15.87
C ALA B 100 -18.38 20.79 17.12
N THR B 101 -19.37 19.97 17.46
CA THR B 101 -20.21 20.21 18.64
C THR B 101 -20.31 18.96 19.50
N ASN B 102 -21.20 18.98 20.49
CA ASN B 102 -21.45 17.86 21.37
C ASN B 102 -22.87 17.35 21.09
N VAL B 103 -22.96 16.26 20.35
CA VAL B 103 -24.24 15.69 19.92
C VAL B 103 -24.34 14.25 20.41
N ALA B 104 -25.48 13.91 21.00
CA ALA B 104 -25.71 12.53 21.43
C ALA B 104 -25.82 11.60 20.23
N GLY B 105 -26.56 12.00 19.21
CA GLY B 105 -26.68 11.25 17.99
C GLY B 105 -27.95 10.43 17.82
N SER B 106 -29.08 10.92 18.34
CA SER B 106 -30.34 10.19 18.16
C SER B 106 -30.87 10.34 16.74
N LEU B 107 -30.53 11.44 16.06
CA LEU B 107 -30.97 11.62 14.69
C LEU B 107 -30.36 10.59 13.76
N PHE B 108 -29.22 10.01 14.15
CA PHE B 108 -28.59 8.98 13.33
C PHE B 108 -29.51 7.77 13.18
N LYS B 109 -30.17 7.36 14.26
CA LYS B 109 -31.05 6.19 14.20
C LYS B 109 -32.23 6.44 13.27
N LYS B 110 -32.84 7.62 13.36
CA LYS B 110 -34.02 7.91 12.55
C LYS B 110 -33.67 7.97 11.07
N LEU B 111 -32.53 8.57 10.73
CA LEU B 111 -32.11 8.59 9.33
C LEU B 111 -31.72 7.21 8.84
N LEU B 112 -31.03 6.44 9.68
CA LEU B 112 -30.59 5.11 9.27
C LEU B 112 -31.77 4.19 8.98
N VAL B 113 -32.80 4.23 9.82
CA VAL B 113 -33.98 3.40 9.60
C VAL B 113 -34.66 3.80 8.30
N GLY B 114 -34.80 5.10 8.06
CA GLY B 114 -35.39 5.56 6.82
C GLY B 114 -34.57 5.18 5.60
N SER B 115 -33.25 5.26 5.72
CA SER B 115 -32.38 4.89 4.59
C SER B 115 -32.50 3.40 4.26
N LEU B 116 -32.54 2.55 5.29
CA LEU B 116 -32.65 1.11 5.05
C LEU B 116 -33.97 0.76 4.37
N VAL B 117 -35.05 1.43 4.77
CA VAL B 117 -36.35 1.19 4.13
C VAL B 117 -36.31 1.57 2.66
N MET B 118 -35.66 2.68 2.35
CA MET B 118 -35.55 3.11 0.96
C MET B 118 -34.77 2.10 0.12
N LEU B 119 -33.76 1.47 0.71
CA LEU B 119 -32.94 0.50 0.01
C LEU B 119 -33.56 -0.89 -0.05
N VAL B 120 -34.19 -1.35 1.03
CA VAL B 120 -34.79 -2.67 1.04
C VAL B 120 -35.92 -2.77 0.03
N PHE B 121 -36.80 -1.77 0.01
CA PHE B 121 -37.89 -1.78 -0.95
C PHE B 121 -37.41 -1.49 -2.36
N GLY B 122 -36.34 -0.69 -2.50
CA GLY B 122 -35.81 -0.43 -3.83
C GLY B 122 -35.26 -1.67 -4.50
N TYR B 123 -34.56 -2.51 -3.74
CA TYR B 123 -34.05 -3.75 -4.29
C TYR B 123 -35.17 -4.70 -4.67
N MET B 124 -36.23 -4.76 -3.85
CA MET B 124 -37.34 -5.66 -4.14
C MET B 124 -38.05 -5.27 -5.44
N GLY B 125 -38.21 -3.98 -5.69
CA GLY B 125 -38.86 -3.54 -6.91
C GLY B 125 -38.09 -3.94 -8.16
N GLU B 126 -36.76 -3.89 -8.11
CA GLU B 126 -35.91 -4.26 -9.22
C GLU B 126 -35.77 -5.75 -9.37
N ALA B 127 -36.18 -6.50 -8.37
CA ALA B 127 -36.18 -7.95 -8.41
C ALA B 127 -37.56 -8.53 -8.69
N GLY B 128 -38.56 -7.69 -8.92
CA GLY B 128 -39.89 -8.15 -9.21
C GLY B 128 -40.79 -8.31 -8.00
N ILE B 129 -40.27 -8.16 -6.80
CA ILE B 129 -41.07 -8.29 -5.58
C ILE B 129 -41.89 -7.03 -5.40
N MET B 130 -43.19 -7.20 -5.16
CA MET B 130 -44.13 -6.09 -4.98
C MET B 130 -44.14 -5.17 -6.20
N ALA B 131 -44.04 -5.77 -7.38
CA ALA B 131 -44.08 -5.07 -8.67
C ALA B 131 -42.97 -4.00 -8.68
N ALA B 132 -43.23 -2.89 -9.35
CA ALA B 132 -42.28 -1.78 -9.38
C ALA B 132 -42.92 -0.45 -9.00
N TRP B 133 -44.16 -0.21 -9.40
CA TRP B 133 -44.84 1.03 -9.03
C TRP B 133 -45.01 1.18 -7.52
N PRO B 134 -45.52 0.18 -6.79
CA PRO B 134 -45.58 0.35 -5.32
C PRO B 134 -44.23 0.55 -4.68
N ALA B 135 -43.18 -0.09 -5.21
CA ALA B 135 -41.84 0.09 -4.65
C ALA B 135 -41.36 1.52 -4.84
N PHE B 136 -41.65 2.11 -6.00
CA PHE B 136 -41.25 3.50 -6.25
C PHE B 136 -41.92 4.45 -5.26
N ILE B 137 -43.20 4.22 -4.97
CA ILE B 137 -43.91 5.07 -4.01
C ILE B 137 -43.34 4.89 -2.62
N ILE B 138 -43.14 3.65 -2.18
CA ILE B 138 -42.61 3.40 -0.84
C ILE B 138 -41.19 3.94 -0.72
N GLY B 139 -40.35 3.72 -1.73
CA GLY B 139 -39.01 4.27 -1.70
C GLY B 139 -39.00 5.79 -1.65
N CYS B 140 -39.97 6.43 -2.32
CA CYS B 140 -40.08 7.87 -2.26
C CYS B 140 -40.46 8.33 -0.86
N LEU B 141 -41.41 7.63 -0.21
CA LEU B 141 -41.86 8.05 1.12
C LEU B 141 -40.74 7.96 2.15
N ALA B 142 -39.93 6.90 2.09
CA ALA B 142 -38.78 6.82 2.98
C ALA B 142 -37.80 7.95 2.70
N TRP B 143 -37.68 8.33 1.42
CA TRP B 143 -36.86 9.49 1.07
C TRP B 143 -37.50 10.79 1.55
N VAL B 144 -38.84 10.83 1.57
CA VAL B 144 -39.55 12.00 2.09
C VAL B 144 -39.36 12.10 3.60
N TYR B 145 -39.34 10.96 4.30
CA TYR B 145 -39.06 10.98 5.73
C TYR B 145 -37.62 11.42 6.00
N MET B 146 -36.71 11.14 5.07
CA MET B 146 -35.31 11.48 5.25
C MET B 146 -35.12 13.00 5.30
N ILE B 147 -35.78 13.70 4.38
CA ILE B 147 -35.67 15.16 4.30
C ILE B 147 -36.37 15.89 5.44
N TYR B 148 -37.42 15.30 5.98
CA TYR B 148 -38.16 15.91 7.07
C TYR B 148 -37.35 15.94 8.35
N GLU B 149 -36.63 14.85 8.65
CA GLU B 149 -35.87 14.80 9.89
C GLU B 149 -34.64 15.72 9.85
N LEU B 150 -34.16 16.06 8.66
CA LEU B 150 -33.06 17.01 8.56
C LEU B 150 -33.53 18.44 8.77
N TRP B 151 -34.75 18.77 8.33
CA TRP B 151 -35.31 20.09 8.62
C TRP B 151 -35.53 20.28 10.12
N ALA B 152 -36.05 19.26 10.78
CA ALA B 152 -36.34 19.31 12.21
C ALA B 152 -35.84 18.03 12.86
N GLY B 153 -34.90 18.18 13.79
CA GLY B 153 -34.35 17.02 14.47
C GLY B 153 -33.21 17.45 15.38
N GLU B 154 -32.52 16.44 15.91
CA GLU B 154 -31.37 16.71 16.78
C GLU B 154 -30.25 17.40 16.01
N GLY B 155 -30.05 17.00 14.75
CA GLY B 155 -29.01 17.64 13.95
C GLY B 155 -29.27 19.12 13.72
N LYS B 156 -30.53 19.48 13.46
CA LYS B 156 -30.86 20.89 13.29
C LYS B 156 -30.60 21.67 14.57
N SER B 157 -30.95 21.09 15.72
CA SER B 157 -30.61 21.70 17.00
C SER B 157 -29.10 21.76 17.20
N ALA B 158 -28.39 20.69 16.83
CA ALA B 158 -26.94 20.67 16.98
C ALA B 158 -26.26 21.62 16.00
N CYS B 159 -26.78 21.74 14.77
CA CYS B 159 -26.16 22.60 13.78
C CYS B 159 -26.25 24.06 14.16
N ASN B 160 -27.24 24.43 14.99
CA ASN B 160 -27.41 25.83 15.37
C ASN B 160 -26.20 26.34 16.15
N THR B 161 -25.67 25.52 17.06
CA THR B 161 -24.57 25.93 17.93
C THR B 161 -23.20 25.79 17.27
N ALA B 162 -23.13 25.28 16.04
CA ALA B 162 -21.85 25.04 15.40
C ALA B 162 -21.33 26.32 14.76
N SER B 163 -20.09 26.25 14.26
CA SER B 163 -19.47 27.38 13.60
C SER B 163 -20.13 27.63 12.24
N PRO B 164 -20.06 28.86 11.72
CA PRO B 164 -20.67 29.13 10.41
C PRO B 164 -20.12 28.28 9.29
N ALA B 165 -18.84 27.90 9.37
CA ALA B 165 -18.28 26.99 8.37
C ALA B 165 -18.94 25.62 8.43
N VAL B 166 -19.15 25.10 9.64
CA VAL B 166 -19.81 23.81 9.79
C VAL B 166 -21.27 23.90 9.36
N GLN B 167 -21.93 25.02 9.68
CA GLN B 167 -23.33 25.17 9.30
C GLN B 167 -23.49 25.17 7.79
N SER B 168 -22.59 25.83 7.06
CA SER B 168 -22.65 25.81 5.61
C SER B 168 -22.47 24.40 5.06
N ALA B 169 -21.54 23.64 5.64
CA ALA B 169 -21.36 22.25 5.23
C ALA B 169 -22.59 21.42 5.52
N TYR B 170 -23.18 21.58 6.71
CA TYR B 170 -24.37 20.82 7.06
C TYR B 170 -25.53 21.11 6.10
N ASN B 171 -25.71 22.38 5.74
CA ASN B 171 -26.75 22.73 4.78
C ASN B 171 -26.44 22.14 3.40
N THR B 172 -25.17 22.18 2.99
CA THR B 172 -24.80 21.61 1.71
C THR B 172 -25.00 20.10 1.69
N MET B 173 -24.63 19.42 2.78
CA MET B 173 -24.86 17.98 2.87
C MET B 173 -26.35 17.66 2.83
N MET B 174 -27.16 18.48 3.50
CA MET B 174 -28.61 18.28 3.46
C MET B 174 -29.15 18.44 2.04
N TYR B 175 -28.62 19.42 1.32
CA TYR B 175 -29.03 19.65 -0.06
C TYR B 175 -28.74 18.40 -0.89
N ILE B 176 -27.53 17.85 -0.71
CA ILE B 176 -27.15 16.64 -1.42
C ILE B 176 -28.16 15.53 -1.17
N ILE B 177 -28.66 15.44 0.06
CA ILE B 177 -29.74 14.50 0.35
C ILE B 177 -30.99 14.87 -0.45
N ILE B 178 -31.22 16.17 -0.61
CA ILE B 178 -32.39 16.66 -1.32
C ILE B 178 -32.34 16.44 -2.83
N PHE B 179 -31.31 16.97 -3.48
CA PHE B 179 -31.17 16.85 -4.92
C PHE B 179 -30.47 15.55 -5.31
N GLY B 180 -29.34 15.27 -4.68
CA GLY B 180 -28.54 14.13 -5.09
C GLY B 180 -29.25 12.81 -4.93
N TRP B 181 -29.89 12.60 -3.77
CA TRP B 181 -30.59 11.35 -3.55
C TRP B 181 -31.89 11.29 -4.34
N ALA B 182 -32.32 12.43 -4.89
CA ALA B 182 -33.53 12.44 -5.72
C ALA B 182 -33.27 11.83 -7.08
N ILE B 183 -32.01 11.79 -7.51
CA ILE B 183 -31.71 11.28 -8.85
C ILE B 183 -31.82 9.76 -8.90
N TYR B 184 -31.73 9.07 -7.77
CA TYR B 184 -31.92 7.63 -7.78
C TYR B 184 -33.33 7.24 -8.20
N PRO B 185 -34.41 7.83 -7.65
CA PRO B 185 -35.74 7.53 -8.20
C PRO B 185 -35.88 7.93 -9.66
N VAL B 186 -35.14 8.92 -10.13
CA VAL B 186 -35.17 9.28 -11.55
C VAL B 186 -34.65 8.11 -12.39
N GLY B 187 -33.54 7.51 -11.97
CA GLY B 187 -33.03 6.34 -12.67
C GLY B 187 -33.96 5.14 -12.51
N TYR B 188 -34.56 4.99 -11.33
CA TYR B 188 -35.54 3.93 -11.13
C TYR B 188 -36.75 4.12 -12.04
N PHE B 189 -37.23 5.36 -12.16
CA PHE B 189 -38.35 5.64 -13.06
C PHE B 189 -37.95 5.40 -14.51
N THR B 190 -36.74 5.82 -14.89
CA THR B 190 -36.29 5.66 -16.27
C THR B 190 -36.12 4.19 -16.63
N GLY B 191 -35.56 3.40 -15.71
CA GLY B 191 -35.26 2.00 -16.01
C GLY B 191 -36.42 1.05 -15.93
N TYR B 192 -37.58 1.49 -15.41
CA TYR B 192 -38.73 0.62 -15.30
C TYR B 192 -40.06 1.27 -15.69
N LEU B 193 -40.05 2.56 -16.06
CA LEU B 193 -41.28 3.24 -16.44
C LEU B 193 -41.03 4.21 -17.59
N SER B 199 -33.75 1.27 -21.37
CA SER B 199 -34.17 1.01 -20.01
C SER B 199 -32.98 0.70 -19.11
N ALA B 200 -32.39 -0.49 -19.30
CA ALA B 200 -31.24 -0.88 -18.51
C ALA B 200 -30.05 0.04 -18.78
N LEU B 201 -29.85 0.43 -20.04
CA LEU B 201 -28.72 1.28 -20.39
C LEU B 201 -28.79 2.63 -19.68
N ASN B 202 -29.98 3.23 -19.66
CA ASN B 202 -30.13 4.53 -19.02
C ASN B 202 -30.11 4.41 -17.51
N LEU B 203 -30.68 3.34 -16.97
CA LEU B 203 -30.70 3.16 -15.51
C LEU B 203 -29.30 3.05 -14.94
N ASN B 204 -28.43 2.26 -15.59
CA ASN B 204 -27.06 2.13 -15.13
C ASN B 204 -26.29 3.43 -15.32
N LEU B 205 -26.56 4.15 -16.40
CA LEU B 205 -25.88 5.43 -16.63
C LEU B 205 -26.20 6.43 -15.53
N ILE B 206 -27.48 6.53 -15.14
CA ILE B 206 -27.88 7.45 -14.10
C ILE B 206 -27.28 7.05 -12.76
N TYR B 207 -27.31 5.75 -12.44
CA TYR B 207 -26.76 5.29 -11.18
C TYR B 207 -25.26 5.55 -11.08
N ASN B 208 -24.57 5.43 -12.21
CA ASN B 208 -23.14 5.69 -12.27
C ASN B 208 -22.87 7.15 -11.96
N LEU B 209 -23.64 8.03 -12.59
CA LEU B 209 -23.48 9.47 -12.37
C LEU B 209 -23.94 9.86 -10.98
N ALA B 210 -24.89 9.12 -10.41
CA ALA B 210 -25.37 9.42 -9.07
C ALA B 210 -24.27 9.26 -8.03
N ASP B 211 -23.49 8.18 -8.13
CA ASP B 211 -22.41 7.97 -7.16
C ASP B 211 -21.28 8.97 -7.36
N PHE B 212 -21.24 9.64 -8.52
CA PHE B 212 -20.26 10.69 -8.73
C PHE B 212 -20.55 11.89 -7.84
N VAL B 213 -21.83 12.14 -7.58
CA VAL B 213 -22.22 13.29 -6.77
C VAL B 213 -22.37 12.88 -5.31
N ASN B 214 -23.12 11.80 -5.06
CA ASN B 214 -23.52 11.48 -3.69
C ASN B 214 -22.39 10.82 -2.91
N LYS B 215 -21.31 10.44 -3.57
CA LYS B 215 -20.20 9.78 -2.89
C LYS B 215 -18.89 10.56 -2.96
N ILE B 216 -18.70 11.33 -4.03
CA ILE B 216 -17.49 12.11 -4.21
C ILE B 216 -17.70 13.56 -3.83
N LEU B 217 -18.76 14.20 -4.34
CA LEU B 217 -19.06 15.56 -3.94
C LEU B 217 -19.42 15.64 -2.47
N PHE B 218 -20.09 14.60 -1.95
CA PHE B 218 -20.40 14.54 -0.52
C PHE B 218 -19.12 14.52 0.30
N GLY B 219 -18.12 13.74 -0.13
CA GLY B 219 -16.88 13.66 0.61
C GLY B 219 -16.00 14.89 0.45
N LEU B 220 -16.18 15.62 -0.66
CA LEU B 220 -15.40 16.84 -0.86
C LEU B 220 -15.92 17.97 0.02
N ILE B 221 -17.22 17.97 0.33
CA ILE B 221 -17.77 18.94 1.26
C ILE B 221 -17.20 18.70 2.66
N ILE B 222 -17.06 17.43 3.05
CA ILE B 222 -16.48 17.10 4.35
C ILE B 222 -15.03 17.56 4.41
N TRP B 223 -14.27 17.32 3.34
CA TRP B 223 -12.87 17.70 3.33
C TRP B 223 -12.71 19.21 3.40
N ASN B 224 -13.54 19.95 2.68
CA ASN B 224 -13.42 21.40 2.64
C ASN B 224 -13.68 22.01 4.02
N VAL B 225 -14.71 21.53 4.71
CA VAL B 225 -15.02 22.09 6.03
C VAL B 225 -13.99 21.66 7.07
N ALA B 226 -13.48 20.43 6.94
CA ALA B 226 -12.47 19.97 7.89
C ALA B 226 -11.18 20.76 7.76
N VAL B 227 -10.78 21.07 6.53
CA VAL B 227 -9.53 21.80 6.32
C VAL B 227 -9.66 23.23 6.80
N LYS B 228 -10.82 23.87 6.57
CA LYS B 228 -11.02 25.24 7.04
C LYS B 228 -10.98 25.30 8.56
N GLU B 229 -11.60 24.33 9.23
CA GLU B 229 -11.61 24.32 10.68
C GLU B 229 -10.24 24.00 11.25
N SER B 230 -9.52 23.05 10.63
CA SER B 230 -8.22 22.65 11.15
C SER B 230 -7.20 23.78 11.01
N SER B 231 -7.25 24.52 9.91
CA SER B 231 -6.30 25.61 9.72
C SER B 231 -6.49 26.70 10.77
N ASN B 232 -7.73 26.90 11.23
CA ASN B 232 -8.00 27.87 12.27
C ASN B 232 -7.28 27.50 13.56
N ALA B 233 -7.32 26.22 13.94
CA ALA B 233 -6.59 25.77 15.10
C ALA B 233 -5.09 25.68 14.82
N GLY B 234 -4.72 25.27 13.63
CA GLY B 234 -3.32 25.13 13.25
C GLY B 234 -2.81 23.71 13.36
N ASP C 6 10.61 -9.76 -24.07
CA ASP C 6 11.34 -8.52 -24.24
C ASP C 6 10.70 -7.85 -25.36
N LEU C 7 10.56 -6.54 -25.15
CA LEU C 7 10.00 -5.51 -26.00
C LEU C 7 10.68 -5.41 -27.31
N ASP C 8 9.93 -5.05 -28.31
CA ASP C 8 10.49 -4.92 -29.66
C ASP C 8 11.30 -3.64 -29.78
N ALA C 9 12.22 -3.61 -30.75
CA ALA C 9 13.05 -2.44 -30.98
C ALA C 9 12.73 -1.76 -32.30
N SER C 10 11.72 -2.30 -33.00
CA SER C 10 11.31 -1.74 -34.28
C SER C 10 10.25 -0.65 -34.10
N ASP C 11 9.31 -0.87 -33.19
CA ASP C 11 8.25 0.10 -32.95
C ASP C 11 8.56 1.01 -31.76
N TYR C 12 8.98 2.24 -32.03
CA TYR C 12 9.29 3.18 -30.97
C TYR C 12 8.08 3.48 -30.10
N THR C 13 6.87 3.31 -30.64
CA THR C 13 5.66 3.56 -29.86
C THR C 13 5.54 2.57 -28.71
N GLY C 14 5.84 1.30 -28.94
CA GLY C 14 5.79 0.33 -27.87
C GLY C 14 6.78 0.64 -26.77
N VAL C 15 7.98 1.11 -27.13
CA VAL C 15 8.96 1.52 -26.14
C VAL C 15 8.42 2.70 -25.33
N SER C 16 7.82 3.67 -26.01
CA SER C 16 7.32 4.86 -25.32
C SER C 16 6.19 4.52 -24.37
N PHE C 17 5.29 3.60 -24.77
CA PHE C 17 4.20 3.21 -23.89
C PHE C 17 4.73 2.59 -22.60
N TRP C 18 5.80 1.80 -22.72
CA TRP C 18 6.41 1.16 -21.56
C TRP C 18 7.26 2.15 -20.75
N LEU C 19 8.03 2.97 -21.45
CA LEU C 19 8.90 3.95 -20.81
C LEU C 19 8.12 5.01 -20.04
N VAL C 20 7.04 5.54 -20.63
CA VAL C 20 6.18 6.53 -19.98
C VAL C 20 5.44 5.95 -18.77
N THR C 21 4.82 4.79 -18.97
CA THR C 21 4.07 4.12 -17.92
C THR C 21 4.93 3.94 -16.66
N ALA C 22 6.21 3.60 -16.85
CA ALA C 22 7.11 3.45 -15.72
C ALA C 22 7.40 4.79 -15.06
N ALA C 23 7.55 5.85 -15.87
CA ALA C 23 7.85 7.16 -15.32
C ALA C 23 6.67 7.71 -14.53
N LEU C 24 5.45 7.41 -14.96
CA LEU C 24 4.27 7.89 -14.25
C LEU C 24 4.08 7.15 -12.94
N LEU C 25 4.48 5.87 -12.89
CA LEU C 25 4.42 5.15 -11.62
C LEU C 25 5.44 5.69 -10.64
N ALA C 26 6.66 5.98 -11.11
CA ALA C 26 7.66 6.58 -10.24
C ALA C 26 7.25 7.96 -9.78
N SER C 27 6.65 8.76 -10.68
CA SER C 27 6.21 10.10 -10.32
C SER C 27 5.09 10.05 -9.30
N THR C 28 4.16 9.10 -9.45
CA THR C 28 3.04 8.99 -8.52
C THR C 28 3.53 8.70 -7.11
N VAL C 29 4.48 7.77 -6.98
CA VAL C 29 5.04 7.46 -5.66
C VAL C 29 5.83 8.64 -5.13
N PHE C 30 6.55 9.34 -6.01
CA PHE C 30 7.35 10.48 -5.58
C PHE C 30 6.47 11.59 -5.01
N PHE C 31 5.36 11.90 -5.68
CA PHE C 31 4.52 13.01 -5.25
C PHE C 31 3.79 12.70 -3.95
N PHE C 32 3.28 11.49 -3.80
CA PHE C 32 2.58 11.13 -2.57
C PHE C 32 3.52 10.97 -1.39
N VAL C 33 4.77 10.60 -1.63
CA VAL C 33 5.73 10.44 -0.56
C VAL C 33 6.38 11.76 -0.17
N GLU C 34 6.61 12.65 -1.13
CA GLU C 34 7.26 13.94 -0.87
C GLU C 34 6.33 14.97 -0.21
N ARG C 35 5.14 14.55 0.24
CA ARG C 35 4.30 15.43 1.04
C ARG C 35 4.82 15.62 2.45
N ASP C 36 5.82 14.84 2.87
CA ASP C 36 6.42 15.04 4.17
C ASP C 36 7.26 16.31 4.22
N ARG C 37 7.87 16.68 3.10
CA ARG C 37 8.75 17.84 3.05
C ARG C 37 8.01 19.15 2.87
N VAL C 38 6.70 19.14 2.72
CA VAL C 38 5.94 20.34 2.41
C VAL C 38 5.04 20.67 3.60
N SER C 39 4.75 21.97 3.74
CA SER C 39 3.88 22.44 4.79
C SER C 39 2.45 21.97 4.54
N ALA C 40 1.62 22.06 5.58
CA ALA C 40 0.25 21.59 5.47
C ALA C 40 -0.56 22.36 4.44
N LYS C 41 -0.13 23.58 4.09
CA LYS C 41 -0.81 24.32 3.04
C LYS C 41 -0.55 23.75 1.66
N TRP C 42 0.65 23.24 1.40
CA TRP C 42 1.03 22.72 0.10
C TRP C 42 0.79 21.23 -0.04
N LYS C 43 0.32 20.56 1.01
CA LYS C 43 0.14 19.11 0.94
C LYS C 43 -0.94 18.72 -0.06
N THR C 44 -1.93 19.58 -0.24
CA THR C 44 -3.02 19.33 -1.17
C THR C 44 -2.54 19.48 -2.62
N SER C 45 -1.57 20.37 -2.84
CA SER C 45 -1.04 20.59 -4.17
C SER C 45 -0.26 19.38 -4.67
N LEU C 46 0.51 18.75 -3.77
CA LEU C 46 1.26 17.57 -4.17
C LEU C 46 0.37 16.34 -4.27
N THR C 47 -0.76 16.33 -3.56
CA THR C 47 -1.70 15.22 -3.70
C THR C 47 -2.33 15.21 -5.09
N VAL C 48 -2.73 16.38 -5.58
CA VAL C 48 -3.38 16.46 -6.89
C VAL C 48 -2.41 16.10 -7.99
N SER C 49 -1.13 16.46 -7.84
CA SER C 49 -0.13 16.04 -8.81
C SER C 49 0.00 14.52 -8.83
N GLY C 50 -0.04 13.87 -7.67
CA GLY C 50 0.00 12.43 -7.62
C GLY C 50 -1.22 11.78 -8.23
N LEU C 51 -2.38 12.41 -8.08
CA LEU C 51 -3.59 11.88 -8.68
C LEU C 51 -3.52 11.95 -10.20
N VAL C 52 -2.99 13.04 -10.75
CA VAL C 52 -2.88 13.17 -12.20
C VAL C 52 -1.98 12.08 -12.76
N THR C 53 -0.79 11.92 -12.18
CA THR C 53 0.10 10.86 -12.63
C THR C 53 -0.44 9.49 -12.30
N GLY C 54 -1.13 9.37 -11.15
CA GLY C 54 -1.71 8.09 -10.78
C GLY C 54 -2.83 7.66 -11.72
N ILE C 55 -3.70 8.59 -12.10
CA ILE C 55 -4.75 8.27 -13.06
C ILE C 55 -4.16 8.02 -14.44
N ALA C 56 -3.19 8.83 -14.84
CA ALA C 56 -2.56 8.64 -16.14
C ALA C 56 -1.84 7.29 -16.22
N PHE C 57 -1.15 6.91 -15.15
CA PHE C 57 -0.53 5.59 -15.11
C PHE C 57 -1.56 4.48 -15.23
N TRP C 58 -2.67 4.63 -14.51
CA TRP C 58 -3.71 3.60 -14.53
C TRP C 58 -4.37 3.49 -15.91
N HIS C 59 -4.32 4.58 -16.66
CA HIS C 59 -4.87 4.62 -18.01
C HIS C 59 -3.86 4.14 -19.04
N TYR C 60 -2.57 4.38 -18.78
CA TYR C 60 -1.53 3.96 -19.70
C TYR C 60 -1.34 2.45 -19.68
N MET C 61 -1.62 1.80 -18.54
CA MET C 61 -1.55 0.34 -18.49
C MET C 61 -2.56 -0.28 -19.45
N TYR C 62 -3.80 0.22 -19.42
CA TYR C 62 -4.81 -0.30 -20.34
C TYR C 62 -4.46 0.04 -21.79
N MET C 63 -3.96 1.26 -22.03
CA MET C 63 -3.61 1.64 -23.39
C MET C 63 -2.45 0.82 -23.92
N ARG C 64 -1.49 0.48 -23.07
CA ARG C 64 -0.36 -0.33 -23.51
C ARG C 64 -0.82 -1.70 -23.99
N GLY C 65 -1.78 -2.30 -23.28
CA GLY C 65 -2.32 -3.57 -23.72
C GLY C 65 -3.03 -3.46 -25.05
N VAL C 66 -3.80 -2.38 -25.24
CA VAL C 66 -4.54 -2.19 -26.48
C VAL C 66 -3.57 -2.12 -27.66
N TRP C 67 -2.43 -1.44 -27.47
CA TRP C 67 -1.46 -1.30 -28.55
C TRP C 67 -0.87 -2.65 -28.95
N ILE C 68 -0.54 -3.48 -27.95
CA ILE C 68 0.02 -4.80 -28.25
C ILE C 68 -1.05 -5.71 -28.85
N GLU C 69 -2.25 -5.72 -28.24
CA GLU C 69 -3.29 -6.63 -28.68
C GLU C 69 -3.82 -6.26 -30.06
N THR C 70 -3.99 -4.97 -30.33
CA THR C 70 -4.62 -4.51 -31.57
C THR C 70 -3.66 -3.80 -32.50
N GLY C 71 -2.90 -2.82 -32.01
CA GLY C 71 -2.04 -2.03 -32.86
C GLY C 71 -2.64 -0.72 -33.32
N ASP C 72 -3.82 -0.36 -32.85
CA ASP C 72 -4.48 0.88 -33.20
C ASP C 72 -4.43 1.85 -32.01
N SER C 73 -4.63 3.12 -32.31
CA SER C 73 -4.55 4.14 -31.27
C SER C 73 -5.74 4.02 -30.33
N PRO C 74 -5.52 3.91 -29.02
CA PRO C 74 -6.63 3.86 -28.05
C PRO C 74 -7.21 5.24 -27.77
N THR C 75 -7.91 5.78 -28.76
CA THR C 75 -8.42 7.15 -28.65
C THR C 75 -9.41 7.30 -27.49
N VAL C 76 -10.32 6.34 -27.35
CA VAL C 76 -11.32 6.43 -26.28
C VAL C 76 -10.65 6.35 -24.91
N PHE C 77 -9.68 5.49 -24.74
CA PHE C 77 -8.99 5.45 -23.46
C PHE C 77 -8.13 6.70 -23.32
N ARG C 78 -7.63 7.25 -24.41
CA ARG C 78 -6.79 8.43 -24.31
C ARG C 78 -7.56 9.63 -23.78
N TYR C 79 -8.72 9.92 -24.38
CA TYR C 79 -9.44 11.14 -24.05
C TYR C 79 -10.18 11.04 -22.71
N ILE C 80 -10.56 9.83 -22.30
CA ILE C 80 -11.17 9.66 -20.98
C ILE C 80 -10.17 10.05 -19.89
N ASP C 81 -8.90 9.67 -20.06
CA ASP C 81 -7.88 10.07 -19.10
C ASP C 81 -7.71 11.58 -19.08
N TRP C 82 -7.71 12.21 -20.26
CA TRP C 82 -7.60 13.67 -20.32
C TRP C 82 -8.82 14.33 -19.69
N LEU C 83 -10.01 13.77 -19.90
CA LEU C 83 -11.22 14.33 -19.30
C LEU C 83 -11.16 14.31 -17.78
N LEU C 84 -10.33 13.43 -17.21
CA LEU C 84 -10.24 13.31 -15.76
C LEU C 84 -9.02 14.03 -15.19
N THR C 85 -7.93 14.12 -15.94
CA THR C 85 -6.69 14.71 -15.44
C THR C 85 -6.53 16.18 -15.77
N VAL C 86 -7.07 16.63 -16.91
CA VAL C 86 -6.94 18.06 -17.28
C VAL C 86 -7.62 18.95 -16.24
N PRO C 87 -8.84 18.68 -15.77
CA PRO C 87 -9.38 19.53 -14.69
C PRO C 87 -8.52 19.56 -13.44
N LEU C 88 -7.88 18.43 -13.09
CA LEU C 88 -7.02 18.42 -11.92
C LEU C 88 -5.78 19.27 -12.12
N LEU C 89 -5.25 19.30 -13.34
CA LEU C 89 -4.11 20.17 -13.63
C LEU C 89 -4.51 21.64 -13.56
N ILE C 90 -5.72 21.97 -14.01
CA ILE C 90 -6.20 23.34 -13.86
C ILE C 90 -6.39 23.69 -12.39
N CYS C 91 -6.80 22.70 -11.58
CA CYS C 91 -6.91 22.92 -10.15
C CYS C 91 -5.58 23.28 -9.51
N GLU C 92 -4.46 22.89 -10.13
CA GLU C 92 -3.15 23.23 -9.58
C GLU C 92 -2.93 24.73 -9.56
N PHE C 93 -3.44 25.44 -10.57
CA PHE C 93 -3.32 26.89 -10.58
C PHE C 93 -4.05 27.52 -9.40
N TYR C 94 -5.23 26.98 -9.08
CA TYR C 94 -5.96 27.47 -7.92
C TYR C 94 -5.25 27.13 -6.62
N LEU C 95 -4.72 25.91 -6.51
CA LEU C 95 -4.16 25.46 -5.24
C LEU C 95 -2.90 26.24 -4.87
N ILE C 96 -2.02 26.49 -5.84
CA ILE C 96 -0.78 27.19 -5.51
C ILE C 96 -1.08 28.64 -5.14
N LEU C 97 -2.04 29.27 -5.81
CA LEU C 97 -2.44 30.61 -5.45
C LEU C 97 -3.23 30.64 -4.14
N ALA C 98 -3.74 29.49 -3.69
CA ALA C 98 -4.43 29.43 -2.42
C ALA C 98 -3.48 29.12 -1.27
N ALA C 99 -2.46 28.30 -1.53
CA ALA C 99 -1.47 27.98 -0.52
C ALA C 99 -0.41 29.07 -0.37
N ALA C 100 -0.44 30.09 -1.23
CA ALA C 100 0.47 31.23 -1.13
C ALA C 100 -0.25 32.55 -0.92
N THR C 101 -1.40 32.74 -1.56
CA THR C 101 -2.16 33.98 -1.42
C THR C 101 -3.63 33.69 -1.12
N ASN C 102 -4.47 34.72 -1.17
CA ASN C 102 -5.90 34.60 -0.95
C ASN C 102 -6.61 34.90 -2.26
N VAL C 103 -7.06 33.84 -2.94
CA VAL C 103 -7.67 33.94 -4.25
C VAL C 103 -9.07 33.31 -4.19
N ALA C 104 -10.05 34.04 -4.74
CA ALA C 104 -11.41 33.50 -4.81
C ALA C 104 -11.48 32.30 -5.76
N GLY C 105 -10.86 32.42 -6.92
CA GLY C 105 -10.78 31.33 -7.87
C GLY C 105 -11.73 31.41 -9.05
N SER C 106 -12.05 32.61 -9.54
CA SER C 106 -12.92 32.72 -10.70
C SER C 106 -12.20 32.35 -11.99
N LEU C 107 -10.87 32.51 -12.02
CA LEU C 107 -10.11 32.12 -13.21
C LEU C 107 -10.16 30.62 -13.45
N PHE C 108 -10.42 29.84 -12.39
CA PHE C 108 -10.53 28.40 -12.54
C PHE C 108 -11.66 28.02 -13.48
N LYS C 109 -12.81 28.70 -13.37
CA LYS C 109 -13.95 28.39 -14.22
C LYS C 109 -13.65 28.69 -15.68
N LYS C 110 -13.02 29.84 -15.95
CA LYS C 110 -12.75 30.22 -17.34
C LYS C 110 -11.76 29.28 -17.99
N LEU C 111 -10.72 28.85 -17.25
CA LEU C 111 -9.78 27.90 -17.81
C LEU C 111 -10.41 26.52 -17.98
N LEU C 112 -11.23 26.10 -17.01
CA LEU C 112 -11.86 24.78 -17.09
C LEU C 112 -12.79 24.67 -18.29
N VAL C 113 -13.59 25.72 -18.54
CA VAL C 113 -14.49 25.69 -19.69
C VAL C 113 -13.69 25.62 -20.99
N GLY C 114 -12.62 26.41 -21.09
CA GLY C 114 -11.79 26.36 -22.28
C GLY C 114 -11.11 25.02 -22.46
N SER C 115 -10.66 24.40 -21.36
CA SER C 115 -10.00 23.11 -21.44
C SER C 115 -10.98 22.03 -21.92
N LEU C 116 -12.21 22.04 -21.41
CA LEU C 116 -13.20 21.05 -21.81
C LEU C 116 -13.53 21.17 -23.29
N VAL C 117 -13.63 22.40 -23.80
CA VAL C 117 -13.91 22.61 -25.22
C VAL C 117 -12.77 22.03 -26.06
N MET C 118 -11.52 22.25 -25.64
CA MET C 118 -10.38 21.72 -26.38
C MET C 118 -10.36 20.19 -26.39
N LEU C 119 -10.88 19.55 -25.35
CA LEU C 119 -10.93 18.10 -25.27
C LEU C 119 -12.15 17.51 -25.96
N VAL C 120 -13.32 18.13 -25.80
CA VAL C 120 -14.54 17.59 -26.41
C VAL C 120 -14.42 17.60 -27.93
N PHE C 121 -13.97 18.72 -28.50
CA PHE C 121 -13.81 18.79 -29.96
C PHE C 121 -12.64 17.95 -30.43
N GLY C 122 -11.59 17.82 -29.61
CA GLY C 122 -10.46 16.99 -30.00
C GLY C 122 -10.83 15.53 -30.15
N TYR C 123 -11.65 15.02 -29.24
CA TYR C 123 -12.10 13.63 -29.34
C TYR C 123 -12.99 13.42 -30.56
N MET C 124 -13.85 14.40 -30.86
CA MET C 124 -14.75 14.27 -32.00
C MET C 124 -13.98 14.20 -33.31
N GLY C 125 -12.91 14.99 -33.43
CA GLY C 125 -12.13 14.96 -34.66
C GLY C 125 -11.47 13.62 -34.91
N GLU C 126 -11.01 12.96 -33.83
CA GLU C 126 -10.37 11.66 -33.92
C GLU C 126 -11.35 10.54 -34.07
N ALA C 127 -12.61 10.82 -33.87
CA ALA C 127 -13.68 9.85 -34.06
C ALA C 127 -14.43 10.07 -35.37
N GLY C 128 -14.01 11.04 -36.19
CA GLY C 128 -14.66 11.31 -37.45
C GLY C 128 -15.77 12.34 -37.40
N ILE C 129 -16.14 12.80 -36.20
CA ILE C 129 -17.20 13.80 -36.07
C ILE C 129 -16.64 15.16 -36.44
N MET C 130 -17.35 15.88 -37.32
CA MET C 130 -16.94 17.20 -37.79
C MET C 130 -15.56 17.15 -38.46
N ALA C 131 -15.32 16.07 -39.20
CA ALA C 131 -14.08 15.85 -39.96
C ALA C 131 -12.90 15.95 -38.99
N ALA C 132 -11.76 16.43 -39.47
CA ALA C 132 -10.58 16.63 -38.63
C ALA C 132 -10.02 18.04 -38.72
N TRP C 133 -10.04 18.65 -39.90
CA TRP C 133 -9.54 20.02 -40.03
C TRP C 133 -10.34 21.02 -39.21
N PRO C 134 -11.68 21.05 -39.25
CA PRO C 134 -12.40 21.98 -38.36
C PRO C 134 -12.13 21.72 -36.89
N ALA C 135 -11.97 20.45 -36.49
CA ALA C 135 -11.68 20.14 -35.10
C ALA C 135 -10.34 20.70 -34.67
N PHE C 136 -9.33 20.62 -35.55
CA PHE C 136 -8.02 21.17 -35.24
C PHE C 136 -8.09 22.67 -35.01
N ILE C 137 -8.87 23.37 -35.85
CA ILE C 137 -9.00 24.83 -35.69
C ILE C 137 -9.72 25.16 -34.39
N ILE C 138 -10.83 24.47 -34.11
CA ILE C 138 -11.59 24.73 -32.89
C ILE C 138 -10.75 24.40 -31.66
N GLY C 139 -10.07 23.26 -31.68
CA GLY C 139 -9.21 22.91 -30.56
C GLY C 139 -8.10 23.91 -30.34
N CYS C 140 -7.57 24.47 -31.43
CA CYS C 140 -6.56 25.51 -31.31
C CYS C 140 -7.13 26.77 -30.66
N LEU C 141 -8.35 27.17 -31.06
CA LEU C 141 -8.93 28.40 -30.54
C LEU C 141 -9.19 28.30 -29.04
N ALA C 142 -9.68 27.15 -28.58
CA ALA C 142 -9.84 26.94 -27.14
C ALA C 142 -8.49 26.99 -26.43
N TRP C 143 -7.45 26.49 -27.10
CA TRP C 143 -6.10 26.61 -26.55
C TRP C 143 -5.62 28.05 -26.59
N VAL C 144 -6.05 28.81 -27.60
CA VAL C 144 -5.71 30.24 -27.68
C VAL C 144 -6.42 31.01 -26.57
N TYR C 145 -7.65 30.63 -26.25
CA TYR C 145 -8.34 31.27 -25.12
C TYR C 145 -7.66 30.92 -23.80
N MET C 146 -7.06 29.74 -23.73
CA MET C 146 -6.41 29.31 -22.49
C MET C 146 -5.23 30.21 -22.14
N ILE C 147 -4.41 30.52 -23.13
CA ILE C 147 -3.23 31.36 -22.93
C ILE C 147 -3.56 32.82 -22.65
N TYR C 148 -4.68 33.30 -23.21
CA TYR C 148 -5.07 34.70 -23.01
C TYR C 148 -5.50 34.96 -21.57
N GLU C 149 -6.23 34.03 -20.96
CA GLU C 149 -6.70 34.24 -19.60
C GLU C 149 -5.58 34.16 -18.59
N LEU C 150 -4.48 33.47 -18.92
CA LEU C 150 -3.33 33.45 -18.02
C LEU C 150 -2.54 34.74 -18.08
N TRP C 151 -2.45 35.38 -19.26
CA TRP C 151 -1.81 36.68 -19.34
C TRP C 151 -2.59 37.73 -18.54
N ALA C 152 -3.92 37.72 -18.66
CA ALA C 152 -4.78 38.68 -17.98
C ALA C 152 -5.93 37.93 -17.33
N GLY C 153 -6.02 38.01 -16.01
CA GLY C 153 -7.08 37.33 -15.29
C GLY C 153 -6.88 37.47 -13.80
N GLU C 154 -7.70 36.73 -13.05
CA GLU C 154 -7.60 36.77 -11.59
C GLU C 154 -6.26 36.18 -11.13
N GLY C 155 -5.78 35.14 -11.82
CA GLY C 155 -4.49 34.56 -11.45
C GLY C 155 -3.35 35.54 -11.61
N LYS C 156 -3.35 36.30 -12.71
CA LYS C 156 -2.31 37.31 -12.90
C LYS C 156 -2.36 38.36 -11.79
N SER C 157 -3.56 38.79 -11.41
CA SER C 157 -3.69 39.69 -10.27
C SER C 157 -3.24 39.02 -8.99
N ALA C 158 -3.60 37.74 -8.80
CA ALA C 158 -3.20 37.03 -7.59
C ALA C 158 -1.70 36.75 -7.57
N CYS C 159 -1.11 36.44 -8.73
CA CYS C 159 0.32 36.13 -8.77
C CYS C 159 1.17 37.34 -8.43
N ASN C 160 0.65 38.56 -8.62
CA ASN C 160 1.43 39.75 -8.34
C ASN C 160 1.78 39.86 -6.87
N THR C 161 0.85 39.52 -5.99
CA THR C 161 1.04 39.67 -4.55
C THR C 161 1.78 38.47 -3.93
N ALA C 162 2.10 37.45 -4.70
CA ALA C 162 2.73 36.25 -4.16
C ALA C 162 4.23 36.46 -4.00
N SER C 163 4.88 35.47 -3.38
CA SER C 163 6.32 35.52 -3.19
C SER C 163 7.03 35.30 -4.52
N PRO C 164 8.28 35.78 -4.64
CA PRO C 164 9.01 35.59 -5.90
C PRO C 164 9.19 34.12 -6.28
N ALA C 165 9.29 33.23 -5.29
CA ALA C 165 9.37 31.81 -5.61
C ALA C 165 8.07 31.31 -6.24
N VAL C 166 6.93 31.74 -5.71
CA VAL C 166 5.64 31.34 -6.27
C VAL C 166 5.45 31.96 -7.64
N GLN C 167 5.88 33.21 -7.82
CA GLN C 167 5.74 33.86 -9.12
C GLN C 167 6.53 33.13 -10.20
N SER C 168 7.74 32.68 -9.87
CA SER C 168 8.52 31.92 -10.85
C SER C 168 7.83 30.63 -11.21
N ALA C 169 7.25 29.93 -10.22
CA ALA C 169 6.50 28.72 -10.51
C ALA C 169 5.29 29.00 -11.38
N TYR C 170 4.54 30.06 -11.06
CA TYR C 170 3.36 30.40 -11.84
C TYR C 170 3.72 30.71 -13.29
N ASN C 171 4.82 31.43 -13.51
CA ASN C 171 5.26 31.69 -14.88
C ASN C 171 5.70 30.41 -15.58
N THR C 172 6.39 29.54 -14.86
CA THR C 172 6.81 28.26 -15.45
C THR C 172 5.61 27.39 -15.79
N MET C 173 4.62 27.34 -14.91
CA MET C 173 3.41 26.58 -15.20
C MET C 173 2.67 27.16 -16.39
N MET C 174 2.64 28.48 -16.51
CA MET C 174 2.01 29.12 -17.66
C MET C 174 2.74 28.75 -18.95
N TYR C 175 4.07 28.71 -18.88
CA TYR C 175 4.87 28.34 -20.05
C TYR C 175 4.49 26.92 -20.48
N ILE C 176 4.39 26.01 -19.51
CA ILE C 176 4.02 24.64 -19.81
C ILE C 176 2.69 24.61 -20.56
N ILE C 177 1.76 25.48 -20.18
CA ILE C 177 0.52 25.61 -20.94
C ILE C 177 0.82 26.10 -22.36
N ILE C 178 1.81 26.97 -22.48
CA ILE C 178 2.18 27.55 -23.77
C ILE C 178 2.87 26.56 -24.71
N PHE C 179 3.99 25.99 -24.26
CA PHE C 179 4.76 25.08 -25.08
C PHE C 179 4.24 23.65 -24.94
N GLY C 180 4.07 23.19 -23.71
CA GLY C 180 3.72 21.79 -23.48
C GLY C 180 2.38 21.42 -24.09
N TRP C 181 1.35 22.25 -23.87
CA TRP C 181 0.04 21.94 -24.42
C TRP C 181 0.00 22.17 -25.93
N ALA C 182 1.01 22.85 -26.47
CA ALA C 182 1.07 23.06 -27.90
C ALA C 182 1.47 21.80 -28.65
N ILE C 183 2.12 20.86 -27.96
CA ILE C 183 2.58 19.65 -28.63
C ILE C 183 1.44 18.69 -28.92
N TYR C 184 0.30 18.81 -28.22
CA TYR C 184 -0.85 17.97 -28.54
C TYR C 184 -1.38 18.26 -29.94
N PRO C 185 -1.62 19.51 -30.35
CA PRO C 185 -1.99 19.75 -31.75
C PRO C 185 -0.93 19.29 -32.74
N VAL C 186 0.35 19.29 -32.34
CA VAL C 186 1.39 18.77 -33.22
C VAL C 186 1.17 17.28 -33.49
N GLY C 187 0.87 16.52 -32.44
CA GLY C 187 0.55 15.12 -32.64
C GLY C 187 -0.76 14.92 -33.39
N TYR C 188 -1.74 15.78 -33.13
CA TYR C 188 -3.00 15.74 -33.88
C TYR C 188 -2.75 16.02 -35.36
N PHE C 189 -1.91 17.02 -35.66
CA PHE C 189 -1.58 17.32 -37.04
C PHE C 189 -0.81 16.17 -37.68
N THR C 190 0.13 15.59 -36.94
CA THR C 190 0.94 14.50 -37.48
C THR C 190 0.09 13.26 -37.75
N GLY C 191 -0.82 12.94 -36.84
CA GLY C 191 -1.60 11.72 -36.97
C GLY C 191 -2.77 11.77 -37.92
N TYR C 192 -3.12 12.95 -38.42
CA TYR C 192 -4.24 13.07 -39.36
C TYR C 192 -3.97 14.00 -40.53
N LEU C 193 -2.81 14.64 -40.61
CA LEU C 193 -2.50 15.53 -41.71
C LEU C 193 -1.04 15.41 -42.12
N SER C 199 1.37 7.54 -39.26
CA SER C 199 0.26 8.34 -38.76
C SER C 199 -0.07 7.97 -37.32
N ALA C 200 -0.65 6.78 -37.12
CA ALA C 200 -0.99 6.34 -35.78
C ALA C 200 0.25 6.13 -34.93
N LEU C 201 1.33 5.59 -35.53
CA LEU C 201 2.55 5.35 -34.78
C LEU C 201 3.13 6.65 -34.23
N ASN C 202 3.18 7.69 -35.05
CA ASN C 202 3.75 8.96 -34.61
C ASN C 202 2.82 9.68 -33.66
N LEU C 203 1.50 9.59 -33.88
CA LEU C 203 0.55 10.27 -33.01
C LEU C 203 0.63 9.73 -31.58
N ASN C 204 0.70 8.41 -31.42
CA ASN C 204 0.82 7.82 -30.09
C ASN C 204 2.16 8.15 -29.46
N LEU C 205 3.22 8.19 -30.27
CA LEU C 205 4.54 8.53 -29.74
C LEU C 205 4.56 9.95 -29.17
N ILE C 206 3.98 10.90 -29.91
CA ILE C 206 3.96 12.28 -29.43
C ILE C 206 3.11 12.41 -28.19
N TYR C 207 1.94 11.75 -28.16
CA TYR C 207 1.07 11.84 -27.00
C TYR C 207 1.73 11.25 -25.76
N ASN C 208 2.51 10.19 -25.96
CA ASN C 208 3.22 9.56 -24.86
C ASN C 208 4.26 10.52 -24.28
N LEU C 209 5.01 11.17 -25.16
CA LEU C 209 6.03 12.13 -24.73
C LEU C 209 5.38 13.38 -24.16
N ALA C 210 4.18 13.71 -24.62
CA ALA C 210 3.49 14.90 -24.11
C ALA C 210 3.15 14.76 -22.63
N ASP C 211 2.67 13.59 -22.22
CA ASP C 211 2.33 13.38 -20.81
C ASP C 211 3.58 13.31 -19.95
N PHE C 212 4.75 13.10 -20.58
CA PHE C 212 6.00 13.13 -19.83
C PHE C 212 6.31 14.55 -19.35
N VAL C 213 5.91 15.55 -20.14
CA VAL C 213 6.18 16.94 -19.78
C VAL C 213 5.01 17.54 -19.04
N ASN C 214 3.80 17.38 -19.58
CA ASN C 214 2.65 18.12 -19.06
C ASN C 214 2.10 17.51 -17.77
N LYS C 215 2.56 16.32 -17.42
CA LYS C 215 2.06 15.66 -16.21
C LYS C 215 3.14 15.41 -15.15
N ILE C 216 4.37 15.24 -15.59
CA ILE C 216 5.49 14.98 -14.69
C ILE C 216 6.29 16.24 -14.43
N LEU C 217 6.69 16.96 -15.49
CA LEU C 217 7.40 18.22 -15.31
C LEU C 217 6.50 19.25 -14.66
N PHE C 218 5.20 19.21 -14.96
CA PHE C 218 4.25 20.11 -14.31
C PHE C 218 4.21 19.86 -12.81
N GLY C 219 4.20 18.58 -12.41
CA GLY C 219 4.16 18.26 -10.99
C GLY C 219 5.47 18.49 -10.29
N LEU C 220 6.59 18.46 -11.03
CA LEU C 220 7.89 18.72 -10.42
C LEU C 220 8.07 20.21 -10.13
N ILE C 221 7.44 21.06 -10.93
CA ILE C 221 7.46 22.49 -10.64
C ILE C 221 6.69 22.78 -9.35
N ILE C 222 5.57 22.10 -9.16
CA ILE C 222 4.79 22.27 -7.93
C ILE C 222 5.60 21.82 -6.72
N TRP C 223 6.27 20.68 -6.84
CA TRP C 223 7.05 20.16 -5.72
C TRP C 223 8.21 21.08 -5.38
N ASN C 224 8.87 21.63 -6.39
CA ASN C 224 10.03 22.48 -6.15
C ASN C 224 9.63 23.75 -5.41
N VAL C 225 8.53 24.38 -5.81
CA VAL C 225 8.11 25.63 -5.16
C VAL C 225 7.55 25.34 -3.77
N ALA C 226 6.88 24.21 -3.59
CA ALA C 226 6.33 23.86 -2.28
C ALA C 226 7.44 23.61 -1.28
N VAL C 227 8.51 22.93 -1.71
CA VAL C 227 9.61 22.61 -0.80
C VAL C 227 10.37 23.88 -0.43
N LYS C 228 10.58 24.78 -1.38
CA LYS C 228 11.27 26.04 -1.08
C LYS C 228 10.49 26.87 -0.08
N GLU C 229 9.17 26.94 -0.25
CA GLU C 229 8.34 27.73 0.65
C GLU C 229 8.26 27.07 2.03
N SER C 230 8.13 25.74 2.07
CA SER C 230 7.99 25.05 3.35
C SER C 230 9.27 25.16 4.18
N SER C 231 10.43 25.08 3.55
CA SER C 231 11.68 25.17 4.28
C SER C 231 11.84 26.54 4.92
N ASN C 232 11.32 27.58 4.27
CA ASN C 232 11.37 28.92 4.85
C ASN C 232 10.62 28.97 6.17
N ALA C 233 9.42 28.38 6.22
CA ALA C 233 8.67 28.32 7.47
C ALA C 233 9.28 27.30 8.43
N GLY C 234 9.77 26.18 7.91
CA GLY C 234 10.35 25.15 8.74
C GLY C 234 9.40 24.00 9.02
N ASP D 6 9.80 -25.04 -8.13
CA ASP D 6 11.08 -24.73 -7.52
C ASP D 6 11.98 -24.55 -8.65
N LEU D 7 12.81 -23.51 -8.46
CA LEU D 7 13.87 -23.00 -9.30
C LEU D 7 14.92 -24.01 -9.59
N ASP D 8 15.49 -23.91 -10.76
CA ASP D 8 16.54 -24.85 -11.16
C ASP D 8 17.85 -24.53 -10.46
N ALA D 9 18.73 -25.52 -10.37
CA ALA D 9 20.02 -25.34 -9.73
C ALA D 9 21.16 -25.44 -10.74
N SER D 10 20.81 -25.61 -12.01
CA SER D 10 21.81 -25.72 -13.07
C SER D 10 22.16 -24.34 -13.63
N ASP D 11 21.16 -23.49 -13.81
CA ASP D 11 21.41 -22.17 -14.36
C ASP D 11 21.52 -21.10 -13.27
N TYR D 12 22.74 -20.67 -12.96
CA TYR D 12 22.95 -19.66 -11.94
C TYR D 12 22.26 -18.35 -12.30
N THR D 13 22.03 -18.09 -13.59
CA THR D 13 21.37 -16.87 -14.00
C THR D 13 19.94 -16.80 -13.48
N GLY D 14 19.21 -17.93 -13.54
CA GLY D 14 17.86 -17.95 -13.02
C GLY D 14 17.82 -17.69 -11.53
N VAL D 15 18.79 -18.23 -10.79
CA VAL D 15 18.87 -17.95 -9.35
C VAL D 15 19.12 -16.47 -9.12
N SER D 16 20.03 -15.88 -9.90
CA SER D 16 20.37 -14.46 -9.72
C SER D 16 19.18 -13.57 -10.03
N PHE D 17 18.42 -13.89 -11.07
CA PHE D 17 17.25 -13.08 -11.40
C PHE D 17 16.24 -13.08 -10.26
N TRP D 18 16.09 -14.23 -9.60
CA TRP D 18 15.15 -14.34 -8.49
C TRP D 18 15.74 -13.73 -7.21
N LEU D 19 17.02 -13.99 -6.96
CA LEU D 19 17.70 -13.48 -5.77
C LEU D 19 17.80 -11.95 -5.77
N VAL D 20 18.15 -11.34 -6.90
CA VAL D 20 18.24 -9.89 -7.03
C VAL D 20 16.87 -9.22 -6.92
N THR D 21 15.90 -9.74 -7.65
CA THR D 21 14.54 -9.20 -7.64
C THR D 21 14.01 -9.11 -6.22
N ALA D 22 14.29 -10.12 -5.40
CA ALA D 22 13.85 -10.09 -4.00
C ALA D 22 14.59 -9.02 -3.21
N ALA D 23 15.88 -8.86 -3.47
CA ALA D 23 16.67 -7.86 -2.75
C ALA D 23 16.23 -6.46 -3.09
N LEU D 24 15.84 -6.22 -4.34
CA LEU D 24 15.39 -4.89 -4.74
C LEU D 24 14.03 -4.56 -4.16
N LEU D 25 13.19 -5.58 -3.96
CA LEU D 25 11.91 -5.34 -3.30
C LEU D 25 12.11 -5.01 -1.83
N ALA D 26 13.02 -5.72 -1.17
CA ALA D 26 13.32 -5.41 0.23
C ALA D 26 13.97 -4.04 0.36
N SER D 27 14.87 -3.69 -0.56
CA SER D 27 15.52 -2.39 -0.51
C SER D 27 14.53 -1.27 -0.75
N THR D 28 13.58 -1.47 -1.67
CA THR D 28 12.59 -0.43 -1.95
C THR D 28 11.75 -0.13 -0.72
N VAL D 29 11.30 -1.17 -0.02
CA VAL D 29 10.51 -0.95 1.19
C VAL D 29 11.38 -0.34 2.28
N PHE D 30 12.64 -0.73 2.36
CA PHE D 30 13.54 -0.20 3.37
C PHE D 30 13.75 1.30 3.19
N PHE D 31 13.98 1.73 1.95
CA PHE D 31 14.29 3.14 1.69
C PHE D 31 13.08 4.03 1.93
N PHE D 32 11.90 3.60 1.48
CA PHE D 32 10.70 4.41 1.68
C PHE D 32 10.24 4.44 3.12
N VAL D 33 10.53 3.39 3.88
CA VAL D 33 10.13 3.34 5.28
C VAL D 33 11.14 4.07 6.18
N GLU D 34 12.43 4.00 5.86
CA GLU D 34 13.47 4.63 6.67
C GLU D 34 13.55 6.13 6.50
N ARG D 35 12.59 6.75 5.81
CA ARG D 35 12.52 8.21 5.77
C ARG D 35 12.04 8.81 7.08
N ASP D 36 11.57 7.99 8.02
CA ASP D 36 11.19 8.50 9.33
C ASP D 36 12.41 8.91 10.15
N ARG D 37 13.52 8.21 9.96
CA ARG D 37 14.72 8.45 10.74
C ARG D 37 15.56 9.61 10.22
N VAL D 38 15.18 10.22 9.11
CA VAL D 38 16.00 11.25 8.48
C VAL D 38 15.28 12.58 8.56
N SER D 39 16.08 13.65 8.58
CA SER D 39 15.54 15.00 8.63
C SER D 39 14.84 15.34 7.32
N ALA D 40 14.03 16.39 7.34
CA ALA D 40 13.27 16.77 6.18
C ALA D 40 14.16 17.15 4.99
N LYS D 41 15.41 17.52 5.23
CA LYS D 41 16.34 17.80 4.14
C LYS D 41 16.77 16.54 3.40
N TRP D 42 16.94 15.43 4.11
CA TRP D 42 17.41 14.18 3.52
C TRP D 42 16.28 13.27 3.07
N LYS D 43 15.03 13.65 3.29
CA LYS D 43 13.92 12.77 2.94
C LYS D 43 13.80 12.57 1.44
N THR D 44 14.22 13.57 0.67
CA THR D 44 14.18 13.48 -0.79
C THR D 44 15.26 12.54 -1.31
N SER D 45 16.39 12.48 -0.60
CA SER D 45 17.49 11.62 -1.00
C SER D 45 17.12 10.15 -0.86
N LEU D 46 16.41 9.81 0.22
CA LEU D 46 16.00 8.43 0.42
C LEU D 46 14.83 8.05 -0.48
N THR D 47 14.03 9.04 -0.90
CA THR D 47 12.95 8.75 -1.85
C THR D 47 13.51 8.34 -3.20
N VAL D 48 14.53 9.05 -3.69
CA VAL D 48 15.10 8.74 -5.00
C VAL D 48 15.77 7.39 -4.99
N SER D 49 16.39 7.01 -3.86
CA SER D 49 16.96 5.67 -3.75
C SER D 49 15.88 4.61 -3.85
N GLY D 50 14.73 4.86 -3.22
CA GLY D 50 13.63 3.91 -3.32
C GLY D 50 13.07 3.82 -4.73
N LEU D 51 13.06 4.94 -5.45
CA LEU D 51 12.58 4.93 -6.83
C LEU D 51 13.51 4.11 -7.72
N VAL D 52 14.82 4.23 -7.52
CA VAL D 52 15.77 3.48 -8.33
C VAL D 52 15.57 1.99 -8.12
N THR D 53 15.53 1.55 -6.86
CA THR D 53 15.30 0.14 -6.58
C THR D 53 13.87 -0.26 -6.96
N GLY D 54 12.92 0.64 -6.78
CA GLY D 54 11.55 0.33 -7.14
C GLY D 54 11.37 0.15 -8.64
N ILE D 55 11.98 1.02 -9.44
CA ILE D 55 11.92 0.86 -10.89
C ILE D 55 12.70 -0.37 -11.32
N ALA D 56 13.87 -0.59 -10.74
CA ALA D 56 14.67 -1.74 -11.09
C ALA D 56 13.95 -3.05 -10.75
N PHE D 57 13.30 -3.10 -9.59
CA PHE D 57 12.50 -4.27 -9.24
C PHE D 57 11.37 -4.49 -10.24
N TRP D 58 10.70 -3.40 -10.63
CA TRP D 58 9.58 -3.52 -11.56
C TRP D 58 10.04 -3.98 -12.94
N HIS D 59 11.31 -3.71 -13.25
CA HIS D 59 11.90 -4.10 -14.52
C HIS D 59 12.47 -5.52 -14.44
N TYR D 60 12.94 -5.92 -13.26
CA TYR D 60 13.49 -7.24 -13.09
C TYR D 60 12.42 -8.32 -13.12
N MET D 61 11.19 -7.97 -12.69
CA MET D 61 10.09 -8.92 -12.76
C MET D 61 9.81 -9.30 -14.21
N TYR D 62 9.74 -8.30 -15.10
CA TYR D 62 9.53 -8.57 -16.52
C TYR D 62 10.71 -9.32 -17.11
N MET D 63 11.94 -8.95 -16.74
CA MET D 63 13.11 -9.62 -17.28
C MET D 63 13.18 -11.06 -16.83
N ARG D 64 12.78 -11.34 -15.58
CA ARG D 64 12.80 -12.71 -15.09
C ARG D 64 11.89 -13.61 -15.90
N GLY D 65 10.71 -13.09 -16.26
CA GLY D 65 9.81 -13.86 -17.10
C GLY D 65 10.39 -14.12 -18.48
N VAL D 66 11.04 -13.11 -19.07
CA VAL D 66 11.64 -13.28 -20.39
C VAL D 66 12.69 -14.37 -20.37
N TRP D 67 13.48 -14.44 -19.30
CA TRP D 67 14.52 -15.46 -19.23
C TRP D 67 13.92 -16.86 -19.17
N ILE D 68 12.86 -17.05 -18.39
CA ILE D 68 12.23 -18.36 -18.31
C ILE D 68 11.51 -18.69 -19.59
N GLU D 69 10.76 -17.74 -20.14
CA GLU D 69 9.95 -17.99 -21.34
C GLU D 69 10.82 -18.21 -22.56
N THR D 70 11.89 -17.43 -22.71
CA THR D 70 12.72 -17.45 -23.92
C THR D 70 14.10 -18.02 -23.68
N GLY D 71 14.81 -17.54 -22.68
CA GLY D 71 16.19 -17.94 -22.45
C GLY D 71 17.23 -17.03 -23.05
N ASP D 72 16.83 -15.90 -23.62
CA ASP D 72 17.74 -14.92 -24.20
C ASP D 72 17.82 -13.69 -23.31
N SER D 73 18.87 -12.92 -23.49
CA SER D 73 19.08 -11.74 -22.66
C SER D 73 18.06 -10.67 -23.00
N PRO D 74 17.32 -10.15 -22.02
CA PRO D 74 16.35 -9.06 -22.27
C PRO D 74 17.04 -7.71 -22.38
N THR D 75 17.77 -7.51 -23.48
CA THR D 75 18.55 -6.29 -23.64
C THR D 75 17.68 -5.04 -23.65
N VAL D 76 16.56 -5.10 -24.38
CA VAL D 76 15.69 -3.93 -24.47
C VAL D 76 15.09 -3.60 -23.10
N PHE D 77 14.71 -4.57 -22.34
CA PHE D 77 14.19 -4.28 -21.03
C PHE D 77 15.34 -3.83 -20.16
N ARG D 78 16.52 -4.37 -20.36
CA ARG D 78 17.64 -4.01 -19.51
C ARG D 78 17.99 -2.53 -19.63
N TYR D 79 18.15 -2.04 -20.86
CA TYR D 79 18.62 -0.68 -21.06
C TYR D 79 17.55 0.37 -20.80
N ILE D 80 16.27 0.02 -20.98
CA ILE D 80 15.21 0.94 -20.64
C ILE D 80 15.23 1.25 -19.14
N ASP D 81 15.47 0.24 -18.32
CA ASP D 81 15.58 0.45 -16.88
C ASP D 81 16.77 1.34 -16.56
N TRP D 82 17.90 1.13 -17.22
CA TRP D 82 19.07 1.98 -17.01
C TRP D 82 18.80 3.40 -17.47
N LEU D 83 18.08 3.56 -18.58
CA LEU D 83 17.76 4.90 -19.07
C LEU D 83 16.91 5.67 -18.07
N LEU D 84 16.21 4.97 -17.18
CA LEU D 84 15.34 5.62 -16.21
C LEU D 84 15.98 5.74 -14.83
N THR D 85 16.85 4.81 -14.46
CA THR D 85 17.43 4.78 -13.12
C THR D 85 18.79 5.47 -13.04
N VAL D 86 19.58 5.44 -14.11
CA VAL D 86 20.90 6.10 -14.08
C VAL D 86 20.77 7.60 -13.84
N PRO D 87 19.87 8.34 -14.51
CA PRO D 87 19.72 9.76 -14.15
C PRO D 87 19.34 9.99 -12.70
N LEU D 88 18.52 9.11 -12.13
CA LEU D 88 18.14 9.27 -10.73
C LEU D 88 19.32 9.03 -9.80
N LEU D 89 20.22 8.11 -10.16
CA LEU D 89 21.42 7.90 -9.36
C LEU D 89 22.35 9.10 -9.44
N ILE D 90 22.43 9.73 -10.62
CA ILE D 90 23.22 10.96 -10.74
C ILE D 90 22.59 12.08 -9.92
N CYS D 91 21.26 12.09 -9.84
CA CYS D 91 20.57 13.07 -9.00
C CYS D 91 20.94 12.93 -7.53
N GLU D 92 21.38 11.74 -7.10
CA GLU D 92 21.77 11.55 -5.71
C GLU D 92 22.98 12.41 -5.35
N PHE D 93 23.90 12.60 -6.30
CA PHE D 93 25.05 13.46 -6.04
C PHE D 93 24.60 14.90 -5.79
N TYR D 94 23.61 15.36 -6.55
CA TYR D 94 23.09 16.71 -6.34
C TYR D 94 22.34 16.80 -5.01
N LEU D 95 21.54 15.78 -4.68
CA LEU D 95 20.68 15.87 -3.50
C LEU D 95 21.50 15.91 -2.22
N ILE D 96 22.52 15.06 -2.11
CA ILE D 96 23.30 15.03 -0.87
C ILE D 96 24.08 16.33 -0.70
N LEU D 97 24.60 16.88 -1.79
CA LEU D 97 25.27 18.17 -1.70
C LEU D 97 24.29 19.32 -1.49
N ALA D 98 23.01 19.10 -1.74
CA ALA D 98 22.00 20.12 -1.48
C ALA D 98 21.44 20.01 -0.06
N ALA D 99 21.33 18.79 0.46
CA ALA D 99 20.86 18.59 1.83
C ALA D 99 21.96 18.82 2.86
N ALA D 100 23.20 19.03 2.43
CA ALA D 100 24.31 19.33 3.32
C ALA D 100 24.94 20.69 3.06
N THR D 101 25.05 21.09 1.78
CA THR D 101 25.65 22.37 1.43
C THR D 101 24.75 23.14 0.47
N ASN D 102 25.28 24.23 -0.09
CA ASN D 102 24.56 25.05 -1.07
C ASN D 102 25.28 24.90 -2.41
N VAL D 103 24.70 24.09 -3.30
CA VAL D 103 25.31 23.78 -4.59
C VAL D 103 24.33 24.17 -5.70
N ALA D 104 24.84 24.87 -6.71
CA ALA D 104 24.00 25.22 -7.86
C ALA D 104 23.62 23.97 -8.65
N GLY D 105 24.57 23.08 -8.90
CA GLY D 105 24.30 21.83 -9.57
C GLY D 105 24.70 21.74 -11.02
N SER D 106 25.77 22.44 -11.44
CA SER D 106 26.20 22.35 -12.82
C SER D 106 26.90 21.03 -13.12
N LEU D 107 27.50 20.40 -12.11
CA LEU D 107 28.13 19.10 -12.30
C LEU D 107 27.11 18.03 -12.67
N PHE D 108 25.84 18.23 -12.30
CA PHE D 108 24.80 17.28 -12.65
C PHE D 108 24.66 17.14 -14.16
N LYS D 109 24.71 18.26 -14.88
CA LYS D 109 24.56 18.22 -16.33
C LYS D 109 25.71 17.46 -16.98
N LYS D 110 26.94 17.71 -16.53
CA LYS D 110 28.10 17.07 -17.15
C LYS D 110 28.10 15.57 -16.91
N LEU D 111 27.72 15.14 -15.70
CA LEU D 111 27.64 13.70 -15.43
C LEU D 111 26.48 13.07 -16.19
N LEU D 112 25.34 13.76 -16.27
CA LEU D 112 24.17 13.20 -16.95
C LEU D 112 24.45 12.98 -18.43
N VAL D 113 25.10 13.95 -19.08
CA VAL D 113 25.42 13.81 -20.50
C VAL D 113 26.36 12.64 -20.71
N GLY D 114 27.38 12.51 -19.86
CA GLY D 114 28.30 11.39 -19.96
C GLY D 114 27.61 10.05 -19.72
N SER D 115 26.70 10.02 -18.75
CA SER D 115 25.99 8.77 -18.46
C SER D 115 25.11 8.34 -19.63
N LEU D 116 24.41 9.29 -20.25
CA LEU D 116 23.55 8.96 -21.38
C LEU D 116 24.36 8.42 -22.56
N VAL D 117 25.54 9.00 -22.80
CA VAL D 117 26.40 8.52 -23.87
C VAL D 117 26.82 7.08 -23.61
N MET D 118 27.18 6.77 -22.37
CA MET D 118 27.58 5.41 -22.01
C MET D 118 26.45 4.41 -22.18
N LEU D 119 25.20 4.84 -22.00
CA LEU D 119 24.04 3.97 -22.16
C LEU D 119 23.56 3.87 -23.60
N VAL D 120 23.55 4.99 -24.33
CA VAL D 120 23.07 4.97 -25.72
C VAL D 120 23.97 4.09 -26.57
N PHE D 121 25.28 4.27 -26.45
CA PHE D 121 26.20 3.45 -27.23
C PHE D 121 26.25 2.01 -26.73
N GLY D 122 26.04 1.80 -25.43
CA GLY D 122 26.02 0.45 -24.90
C GLY D 122 24.87 -0.38 -25.46
N TYR D 123 23.70 0.22 -25.57
CA TYR D 123 22.55 -0.48 -26.15
C TYR D 123 22.79 -0.80 -27.62
N MET D 124 23.39 0.14 -28.35
CA MET D 124 23.62 -0.08 -29.78
C MET D 124 24.57 -1.25 -30.02
N GLY D 125 25.60 -1.38 -29.18
CA GLY D 125 26.54 -2.48 -29.34
C GLY D 125 25.89 -3.83 -29.15
N GLU D 126 24.95 -3.93 -28.21
CA GLU D 126 24.25 -5.18 -27.92
C GLU D 126 23.16 -5.45 -28.92
N ALA D 127 22.80 -4.46 -29.70
CA ALA D 127 21.82 -4.63 -30.77
C ALA D 127 22.46 -4.78 -32.14
N GLY D 128 23.79 -4.83 -32.22
CA GLY D 128 24.48 -4.98 -33.48
C GLY D 128 24.85 -3.68 -34.17
N ILE D 129 24.40 -2.54 -33.67
CA ILE D 129 24.71 -1.26 -34.28
C ILE D 129 26.14 -0.87 -33.91
N MET D 130 26.92 -0.50 -34.93
CA MET D 130 28.33 -0.11 -34.75
C MET D 130 29.13 -1.26 -34.12
N ALA D 131 28.82 -2.48 -34.53
CA ALA D 131 29.50 -3.70 -34.07
C ALA D 131 29.44 -3.76 -32.54
N ALA D 132 30.47 -4.32 -31.91
CA ALA D 132 30.55 -4.38 -30.46
C ALA D 132 31.85 -3.82 -29.92
N TRP D 133 32.97 -4.04 -30.60
CA TRP D 133 34.24 -3.50 -30.15
C TRP D 133 34.26 -1.97 -30.12
N PRO D 134 33.84 -1.26 -31.17
CA PRO D 134 33.80 0.22 -31.06
C PRO D 134 32.87 0.70 -29.96
N ALA D 135 31.75 0.00 -29.74
CA ALA D 135 30.83 0.40 -28.67
C ALA D 135 31.48 0.26 -27.30
N PHE D 136 32.26 -0.80 -27.10
CA PHE D 136 32.94 -0.99 -25.82
C PHE D 136 33.94 0.14 -25.57
N ILE D 137 34.66 0.57 -26.59
CA ILE D 137 35.62 1.66 -26.43
C ILE D 137 34.90 2.96 -26.14
N ILE D 138 33.84 3.27 -26.90
CA ILE D 138 33.09 4.51 -26.68
C ILE D 138 32.43 4.51 -25.31
N GLY D 139 31.82 3.38 -24.93
CA GLY D 139 31.22 3.30 -23.60
C GLY D 139 32.24 3.47 -22.49
N CYS D 140 33.46 2.96 -22.71
CA CYS D 140 34.53 3.15 -21.72
C CYS D 140 34.91 4.62 -21.61
N LEU D 141 35.01 5.33 -22.75
CA LEU D 141 35.44 6.71 -22.73
C LEU D 141 34.43 7.59 -21.99
N ALA D 142 33.14 7.36 -22.21
CA ALA D 142 32.12 8.09 -21.46
C ALA D 142 32.23 7.77 -19.97
N TRP D 143 32.59 6.54 -19.64
CA TRP D 143 32.83 6.18 -18.25
C TRP D 143 34.11 6.83 -17.74
N VAL D 144 35.11 7.02 -18.62
CA VAL D 144 36.33 7.71 -18.23
C VAL D 144 36.05 9.19 -17.98
N TYR D 145 35.16 9.79 -18.78
CA TYR D 145 34.78 11.18 -18.53
C TYR D 145 34.00 11.30 -17.23
N MET D 146 33.28 10.24 -16.84
CA MET D 146 32.49 10.28 -15.62
C MET D 146 33.37 10.42 -14.38
N ILE D 147 34.45 9.64 -14.35
CA ILE D 147 35.36 9.66 -13.21
C ILE D 147 36.20 10.93 -13.13
N TYR D 148 36.49 11.55 -14.27
CA TYR D 148 37.29 12.76 -14.29
C TYR D 148 36.54 13.94 -13.69
N GLU D 149 35.24 14.06 -13.98
CA GLU D 149 34.49 15.20 -13.45
C GLU D 149 34.24 15.08 -11.95
N LEU D 150 34.28 13.86 -11.41
CA LEU D 150 34.15 13.71 -9.96
C LEU D 150 35.43 14.08 -9.23
N TRP D 151 36.60 13.81 -9.84
CA TRP D 151 37.85 14.27 -9.24
C TRP D 151 37.93 15.80 -9.22
N ALA D 152 37.52 16.44 -10.31
CA ALA D 152 37.57 17.89 -10.43
C ALA D 152 36.25 18.38 -11.00
N GLY D 153 35.53 19.20 -10.23
CA GLY D 153 34.25 19.72 -10.67
C GLY D 153 33.59 20.51 -9.56
N GLU D 154 32.34 20.87 -9.81
CA GLU D 154 31.58 21.61 -8.81
C GLU D 154 31.33 20.77 -7.56
N GLY D 155 31.11 19.48 -7.75
CA GLY D 155 30.90 18.60 -6.60
C GLY D 155 32.13 18.52 -5.70
N LYS D 156 33.32 18.44 -6.30
CA LYS D 156 34.54 18.42 -5.50
C LYS D 156 34.70 19.72 -4.73
N SER D 157 34.38 20.85 -5.36
CA SER D 157 34.39 22.12 -4.64
C SER D 157 33.31 22.14 -3.55
N ALA D 158 32.13 21.60 -3.86
CA ALA D 158 31.05 21.57 -2.88
C ALA D 158 31.33 20.60 -1.75
N CYS D 159 31.96 19.46 -2.06
CA CYS D 159 32.24 18.46 -1.03
C CYS D 159 33.26 18.97 -0.01
N ASN D 160 34.10 19.94 -0.40
CA ASN D 160 35.11 20.44 0.52
C ASN D 160 34.48 21.11 1.74
N THR D 161 33.41 21.87 1.52
CA THR D 161 32.78 22.63 2.60
C THR D 161 31.79 21.80 3.41
N ALA D 162 31.56 20.54 3.06
CA ALA D 162 30.57 19.73 3.73
C ALA D 162 31.15 19.14 5.02
N SER D 163 30.28 18.49 5.80
CA SER D 163 30.71 17.84 7.02
C SER D 163 31.54 16.59 6.71
N PRO D 164 32.39 16.17 7.65
CA PRO D 164 33.21 14.97 7.39
C PRO D 164 32.37 13.73 7.12
N ALA D 165 31.18 13.62 7.72
CA ALA D 165 30.32 12.49 7.42
C ALA D 165 29.85 12.52 5.97
N VAL D 166 29.49 13.71 5.47
CA VAL D 166 29.05 13.84 4.08
C VAL D 166 30.22 13.61 3.14
N GLN D 167 31.41 14.08 3.51
CA GLN D 167 32.58 13.88 2.66
C GLN D 167 32.92 12.40 2.50
N SER D 168 32.81 11.64 3.59
CA SER D 168 33.05 10.20 3.49
C SER D 168 32.04 9.53 2.57
N ALA D 169 30.77 9.94 2.66
CA ALA D 169 29.75 9.40 1.77
C ALA D 169 30.04 9.76 0.32
N TYR D 170 30.40 11.03 0.07
CA TYR D 170 30.69 11.46 -1.29
C TYR D 170 31.86 10.68 -1.89
N ASN D 171 32.91 10.44 -1.10
CA ASN D 171 34.02 9.63 -1.59
C ASN D 171 33.59 8.19 -1.84
N THR D 172 32.77 7.64 -0.96
CA THR D 172 32.29 6.27 -1.16
C THR D 172 31.41 6.17 -2.40
N MET D 173 30.53 7.15 -2.61
CA MET D 173 29.70 7.15 -3.81
C MET D 173 30.57 7.28 -5.06
N MET D 174 31.62 8.10 -5.00
CA MET D 174 32.52 8.22 -6.14
C MET D 174 33.22 6.90 -6.43
N TYR D 175 33.60 6.18 -5.37
CA TYR D 175 34.25 4.89 -5.53
C TYR D 175 33.31 3.94 -6.25
N ILE D 176 32.04 3.94 -5.83
CA ILE D 176 31.04 3.08 -6.47
C ILE D 176 30.98 3.37 -7.96
N ILE D 177 31.11 4.64 -8.34
CA ILE D 177 31.21 4.99 -9.76
C ILE D 177 32.47 4.37 -10.36
N ILE D 178 33.54 4.35 -9.56
CA ILE D 178 34.82 3.82 -10.03
C ILE D 178 34.85 2.30 -10.20
N PHE D 179 34.56 1.57 -9.13
CA PHE D 179 34.58 0.12 -9.16
C PHE D 179 33.25 -0.45 -9.64
N GLY D 180 32.14 0.02 -9.05
CA GLY D 180 30.85 -0.57 -9.35
C GLY D 180 30.44 -0.42 -10.80
N TRP D 181 30.60 0.78 -11.35
CA TRP D 181 30.23 1.00 -12.75
C TRP D 181 31.23 0.36 -13.69
N ALA D 182 32.39 -0.04 -13.17
CA ALA D 182 33.39 -0.71 -14.00
C ALA D 182 32.99 -2.14 -14.31
N ILE D 183 32.11 -2.73 -13.49
CA ILE D 183 31.74 -4.12 -13.69
C ILE D 183 30.79 -4.29 -14.88
N TYR D 184 30.10 -3.22 -15.29
CA TYR D 184 29.25 -3.32 -16.48
C TYR D 184 30.06 -3.59 -17.74
N PRO D 185 31.16 -2.87 -18.03
CA PRO D 185 32.00 -3.28 -19.16
C PRO D 185 32.57 -4.68 -19.02
N VAL D 186 32.77 -5.16 -17.79
CA VAL D 186 33.24 -6.53 -17.60
C VAL D 186 32.20 -7.51 -18.12
N GLY D 187 30.93 -7.28 -17.77
CA GLY D 187 29.86 -8.12 -18.31
C GLY D 187 29.70 -7.95 -19.82
N TYR D 188 29.86 -6.72 -20.31
CA TYR D 188 29.81 -6.48 -21.75
C TYR D 188 30.95 -7.22 -22.45
N PHE D 189 32.15 -7.18 -21.88
CA PHE D 189 33.26 -7.92 -22.46
C PHE D 189 33.02 -9.42 -22.40
N THR D 190 32.49 -9.91 -21.29
CA THR D 190 32.26 -11.35 -21.13
C THR D 190 31.18 -11.83 -22.09
N GLY D 191 30.12 -11.06 -22.27
CA GLY D 191 29.00 -11.49 -23.08
C GLY D 191 29.17 -11.35 -24.58
N TYR D 192 30.23 -10.67 -25.02
CA TYR D 192 30.46 -10.48 -26.45
C TYR D 192 31.91 -10.65 -26.88
N LEU D 193 32.82 -10.92 -25.97
CA LEU D 193 34.23 -11.10 -26.31
C LEU D 193 34.87 -12.19 -25.46
N SER D 199 28.15 -17.04 -22.73
CA SER D 199 28.09 -15.66 -23.18
C SER D 199 26.90 -14.93 -22.57
N ALA D 200 25.70 -15.29 -23.03
CA ALA D 200 24.49 -14.67 -22.50
C ALA D 200 24.28 -15.02 -21.03
N LEU D 201 24.59 -16.26 -20.65
CA LEU D 201 24.40 -16.68 -19.26
C LEU D 201 25.28 -15.85 -18.32
N ASN D 202 26.54 -15.65 -18.68
CA ASN D 202 27.45 -14.90 -17.82
C ASN D 202 27.13 -13.41 -17.85
N LEU D 203 26.73 -12.88 -19.01
CA LEU D 203 26.43 -11.46 -19.11
C LEU D 203 25.26 -11.08 -18.22
N ASN D 204 24.19 -11.88 -18.22
CA ASN D 204 23.05 -11.61 -17.36
C ASN D 204 23.40 -11.78 -15.90
N LEU D 205 24.24 -12.77 -15.58
CA LEU D 205 24.66 -12.98 -14.19
C LEU D 205 25.41 -11.78 -13.66
N ILE D 206 26.34 -11.23 -14.45
CA ILE D 206 27.11 -10.07 -14.01
C ILE D 206 26.21 -8.86 -13.86
N TYR D 207 25.32 -8.64 -14.82
CA TYR D 207 24.42 -7.48 -14.75
C TYR D 207 23.51 -7.55 -13.54
N ASN D 208 23.10 -8.77 -13.19
CA ASN D 208 22.24 -8.98 -12.02
C ASN D 208 22.99 -8.59 -10.76
N LEU D 209 24.24 -9.05 -10.65
CA LEU D 209 25.07 -8.74 -9.48
C LEU D 209 25.46 -7.28 -9.47
N ALA D 210 25.56 -6.66 -10.65
CA ALA D 210 25.94 -5.25 -10.72
C ALA D 210 24.89 -4.37 -10.06
N ASP D 211 23.60 -4.64 -10.32
CA ASP D 211 22.55 -3.83 -9.71
C ASP D 211 22.44 -4.09 -8.21
N PHE D 212 23.03 -5.20 -7.75
CA PHE D 212 23.07 -5.44 -6.30
C PHE D 212 23.97 -4.43 -5.60
N VAL D 213 25.03 -4.00 -6.29
CA VAL D 213 25.97 -3.05 -5.68
C VAL D 213 25.60 -1.62 -6.05
N ASN D 214 25.36 -1.38 -7.35
CA ASN D 214 25.24 0.00 -7.81
C ASN D 214 23.88 0.59 -7.50
N LYS D 215 22.93 -0.23 -7.06
CA LYS D 215 21.58 0.27 -6.76
C LYS D 215 21.17 0.10 -5.30
N ILE D 216 21.72 -0.92 -4.65
CA ILE D 216 21.41 -1.19 -3.25
C ILE D 216 22.49 -0.68 -2.32
N LEU D 217 23.75 -1.00 -2.60
CA LEU D 217 24.84 -0.47 -1.79
C LEU D 217 24.95 1.04 -1.95
N PHE D 218 24.64 1.55 -3.14
CA PHE D 218 24.62 2.99 -3.37
C PHE D 218 23.58 3.65 -2.48
N GLY D 219 22.40 3.05 -2.38
CA GLY D 219 21.35 3.63 -1.57
C GLY D 219 21.57 3.44 -0.09
N LEU D 220 22.35 2.43 0.30
CA LEU D 220 22.65 2.23 1.72
C LEU D 220 23.66 3.25 2.21
N ILE D 221 24.54 3.71 1.33
CA ILE D 221 25.47 4.78 1.69
C ILE D 221 24.70 6.08 1.95
N ILE D 222 23.68 6.35 1.12
CA ILE D 222 22.87 7.54 1.31
C ILE D 222 22.12 7.46 2.64
N TRP D 223 21.56 6.29 2.96
CA TRP D 223 20.81 6.15 4.19
C TRP D 223 21.71 6.30 5.40
N ASN D 224 22.92 5.74 5.35
CA ASN D 224 23.82 5.81 6.48
C ASN D 224 24.23 7.25 6.80
N VAL D 225 24.55 8.03 5.77
CA VAL D 225 24.97 9.40 6.00
C VAL D 225 23.79 10.27 6.42
N ALA D 226 22.60 10.00 5.86
CA ALA D 226 21.42 10.78 6.23
C ALA D 226 21.05 10.55 7.69
N VAL D 227 21.15 9.31 8.17
CA VAL D 227 20.78 9.00 9.55
C VAL D 227 21.78 9.60 10.52
N LYS D 228 23.08 9.56 10.18
CA LYS D 228 24.08 10.16 11.04
C LYS D 228 23.88 11.67 11.16
N GLU D 229 23.58 12.33 10.05
CA GLU D 229 23.37 13.78 10.09
C GLU D 229 22.08 14.14 10.80
N SER D 230 21.01 13.37 10.58
CA SER D 230 19.74 13.69 11.19
C SER D 230 19.78 13.52 12.70
N SER D 231 20.48 12.49 13.19
CA SER D 231 20.56 12.28 14.63
C SER D 231 21.29 13.42 15.32
N ASN D 232 22.26 14.04 14.63
CA ASN D 232 22.97 15.18 15.19
C ASN D 232 22.01 16.34 15.45
N ALA D 233 21.11 16.61 14.49
CA ALA D 233 20.11 17.66 14.69
C ALA D 233 19.02 17.19 15.64
N GLY D 234 18.64 15.92 15.56
CA GLY D 234 17.59 15.38 16.41
C GLY D 234 16.24 15.31 15.71
N ASP E 6 -10.95 -25.85 -0.50
CA ASP E 6 -10.61 -26.01 0.90
C ASP E 6 -9.53 -27.00 0.91
N LEU E 7 -8.57 -26.68 1.78
CA LEU E 7 -7.35 -27.37 2.12
C LEU E 7 -7.59 -28.74 2.63
N ASP E 8 -6.67 -29.62 2.36
CA ASP E 8 -6.80 -31.00 2.79
C ASP E 8 -6.49 -31.13 4.28
N ALA E 9 -6.99 -32.20 4.89
CA ALA E 9 -6.78 -32.43 6.32
C ALA E 9 -5.89 -33.65 6.55
N SER E 10 -5.44 -34.26 5.46
CA SER E 10 -4.58 -35.43 5.55
C SER E 10 -3.11 -35.04 5.63
N ASP E 11 -2.70 -34.05 4.84
CA ASP E 11 -1.31 -33.62 4.84
C ASP E 11 -1.08 -32.41 5.75
N TYR E 12 -0.52 -32.62 6.92
CA TYR E 12 -0.24 -31.53 7.84
C TYR E 12 0.71 -30.51 7.25
N THR E 13 1.54 -30.91 6.29
CA THR E 13 2.48 -29.98 5.67
C THR E 13 1.74 -28.89 4.90
N GLY E 14 0.67 -29.26 4.17
CA GLY E 14 -0.10 -28.26 3.46
C GLY E 14 -0.76 -27.26 4.39
N VAL E 15 -1.24 -27.72 5.54
CA VAL E 15 -1.80 -26.83 6.54
C VAL E 15 -0.73 -25.88 7.05
N SER E 16 0.46 -26.41 7.33
CA SER E 16 1.54 -25.58 7.87
C SER E 16 1.99 -24.53 6.87
N PHE E 17 2.07 -24.89 5.59
CA PHE E 17 2.45 -23.91 4.57
C PHE E 17 1.48 -22.75 4.52
N TRP E 18 0.19 -23.06 4.67
CA TRP E 18 -0.84 -22.03 4.66
C TRP E 18 -0.89 -21.26 5.97
N LEU E 19 -0.81 -21.97 7.07
CA LEU E 19 -0.84 -21.37 8.41
C LEU E 19 0.34 -20.43 8.67
N VAL E 20 1.56 -20.85 8.30
CA VAL E 20 2.75 -20.02 8.45
C VAL E 20 2.72 -18.79 7.55
N THR E 21 2.41 -19.01 6.28
CA THR E 21 2.34 -17.91 5.31
C THR E 21 1.43 -16.80 5.80
N ALA E 22 0.31 -17.15 6.41
CA ALA E 22 -0.59 -16.15 6.95
C ALA E 22 0.01 -15.43 8.15
N ALA E 23 0.73 -16.17 9.00
CA ALA E 23 1.34 -15.56 10.18
C ALA E 23 2.45 -14.59 9.79
N LEU E 24 3.19 -14.91 8.72
CA LEU E 24 4.26 -14.02 8.29
C LEU E 24 3.71 -12.75 7.65
N LEU E 25 2.56 -12.85 6.99
CA LEU E 25 1.93 -11.65 6.46
C LEU E 25 1.42 -10.76 7.58
N ALA E 26 0.82 -11.34 8.62
CA ALA E 26 0.37 -10.56 9.76
C ALA E 26 1.56 -9.95 10.50
N SER E 27 2.64 -10.71 10.65
CA SER E 27 3.82 -10.20 11.34
C SER E 27 4.47 -9.06 10.56
N THR E 28 4.50 -9.16 9.23
CA THR E 28 5.10 -8.12 8.41
C THR E 28 4.35 -6.81 8.56
N VAL E 29 3.02 -6.86 8.55
CA VAL E 29 2.23 -5.65 8.73
C VAL E 29 2.39 -5.12 10.15
N PHE E 30 2.47 -6.02 11.12
CA PHE E 30 2.62 -5.61 12.52
C PHE E 30 3.92 -4.86 12.73
N PHE E 31 5.02 -5.37 12.18
CA PHE E 31 6.33 -4.76 12.43
C PHE E 31 6.46 -3.41 11.75
N PHE E 32 5.98 -3.28 10.51
CA PHE E 32 6.07 -2.02 9.80
C PHE E 32 5.12 -0.98 10.36
N VAL E 33 4.00 -1.39 10.95
CA VAL E 33 3.05 -0.45 11.51
C VAL E 33 3.44 -0.04 12.94
N GLU E 34 4.01 -0.96 13.72
CA GLU E 34 4.38 -0.68 15.10
C GLU E 34 5.64 0.17 15.23
N ARG E 35 6.16 0.72 14.13
CA ARG E 35 7.26 1.67 14.22
C ARG E 35 6.81 3.02 14.74
N ASP E 36 5.51 3.26 14.87
CA ASP E 36 5.03 4.50 15.47
C ASP E 36 5.29 4.54 16.96
N ARG E 37 5.26 3.39 17.63
CA ARG E 37 5.42 3.32 19.07
C ARG E 37 6.87 3.33 19.52
N VAL E 38 7.82 3.33 18.60
CA VAL E 38 9.23 3.21 18.95
C VAL E 38 9.94 4.51 18.62
N SER E 39 11.01 4.78 19.36
CA SER E 39 11.82 5.97 19.14
C SER E 39 12.56 5.85 17.81
N ALA E 40 13.07 6.99 17.34
CA ALA E 40 13.75 7.02 16.05
C ALA E 40 15.00 6.15 16.04
N LYS E 41 15.57 5.84 17.20
CA LYS E 41 16.71 4.93 17.26
C LYS E 41 16.33 3.48 16.97
N TRP E 42 15.15 3.06 17.42
CA TRP E 42 14.71 1.68 17.27
C TRP E 42 13.88 1.45 16.01
N LYS E 43 13.62 2.50 15.22
CA LYS E 43 12.77 2.35 14.06
C LYS E 43 13.42 1.47 13.00
N THR E 44 14.74 1.46 12.95
CA THR E 44 15.48 0.65 12.00
C THR E 44 15.45 -0.83 12.40
N SER E 45 15.38 -1.09 13.69
CA SER E 45 15.33 -2.46 14.19
C SER E 45 14.02 -3.14 13.83
N LEU E 46 12.91 -2.39 13.92
CA LEU E 46 11.62 -2.95 13.55
C LEU E 46 11.44 -3.05 12.04
N THR E 47 12.14 -2.21 11.28
CA THR E 47 12.09 -2.32 9.83
C THR E 47 12.73 -3.62 9.36
N VAL E 48 13.88 -3.98 9.92
CA VAL E 48 14.59 -5.18 9.50
C VAL E 48 13.79 -6.42 9.87
N SER E 49 13.09 -6.40 11.01
CA SER E 49 12.21 -7.50 11.37
C SER E 49 11.09 -7.66 10.34
N GLY E 50 10.53 -6.54 9.88
CA GLY E 50 9.50 -6.61 8.86
C GLY E 50 10.03 -7.12 7.53
N LEU E 51 11.28 -6.78 7.20
CA LEU E 51 11.88 -7.29 5.96
C LEU E 51 12.07 -8.79 6.02
N VAL E 52 12.51 -9.31 7.18
CA VAL E 52 12.71 -10.75 7.31
C VAL E 52 11.40 -11.50 7.11
N THR E 53 10.36 -11.07 7.82
CA THR E 53 9.05 -11.71 7.65
C THR E 53 8.47 -11.41 6.29
N GLY E 54 8.73 -10.21 5.75
CA GLY E 54 8.23 -9.87 4.43
C GLY E 54 8.87 -10.69 3.33
N ILE E 55 10.18 -10.89 3.40
CA ILE E 55 10.86 -11.75 2.43
C ILE E 55 10.44 -13.20 2.61
N ALA E 56 10.35 -13.65 3.86
CA ALA E 56 9.94 -15.03 4.12
C ALA E 56 8.53 -15.29 3.63
N PHE E 57 7.62 -14.34 3.84
CA PHE E 57 6.26 -14.49 3.31
C PHE E 57 6.28 -14.56 1.79
N TRP E 58 7.08 -13.71 1.15
CA TRP E 58 7.13 -13.68 -0.31
C TRP E 58 7.72 -14.97 -0.87
N HIS E 59 8.53 -15.64 -0.06
CA HIS E 59 9.14 -16.90 -0.45
C HIS E 59 8.23 -18.09 -0.13
N TYR E 60 7.42 -17.95 0.93
CA TYR E 60 6.52 -19.03 1.31
C TYR E 60 5.35 -19.14 0.34
N MET E 61 4.96 -18.03 -0.29
CA MET E 61 3.90 -18.10 -1.30
C MET E 61 4.34 -18.97 -2.48
N TYR E 62 5.56 -18.77 -2.97
CA TYR E 62 6.07 -19.59 -4.05
C TYR E 62 6.24 -21.04 -3.61
N MET E 63 6.75 -21.26 -2.38
CA MET E 63 6.94 -22.61 -1.89
C MET E 63 5.62 -23.34 -1.72
N ARG E 64 4.58 -22.63 -1.28
CA ARG E 64 3.29 -23.27 -1.11
C ARG E 64 2.75 -23.79 -2.44
N GLY E 65 2.93 -23.01 -3.51
CA GLY E 65 2.52 -23.48 -4.82
C GLY E 65 3.29 -24.71 -5.27
N VAL E 66 4.60 -24.72 -5.02
CA VAL E 66 5.43 -25.85 -5.41
C VAL E 66 4.95 -27.12 -4.72
N TRP E 67 4.57 -27.02 -3.45
CA TRP E 67 4.12 -28.19 -2.72
C TRP E 67 2.82 -28.76 -3.31
N ILE E 68 1.87 -27.88 -3.66
CA ILE E 68 0.62 -28.34 -4.25
C ILE E 68 0.85 -28.87 -5.65
N GLU E 69 1.62 -28.13 -6.45
CA GLU E 69 1.82 -28.51 -7.85
C GLU E 69 2.65 -29.79 -7.98
N THR E 70 3.68 -29.94 -7.17
CA THR E 70 4.62 -31.05 -7.29
C THR E 70 4.54 -32.04 -6.14
N GLY E 71 4.59 -31.56 -4.90
CA GLY E 71 4.63 -32.44 -3.75
C GLY E 71 6.00 -32.74 -3.22
N ASP E 72 7.04 -32.10 -3.76
CA ASP E 72 8.40 -32.27 -3.31
C ASP E 72 8.86 -31.04 -2.55
N SER E 73 9.91 -31.21 -1.76
CA SER E 73 10.41 -30.11 -0.93
C SER E 73 11.06 -29.05 -1.81
N PRO E 74 10.65 -27.79 -1.70
CA PRO E 74 11.27 -26.70 -2.47
C PRO E 74 12.59 -26.25 -1.85
N THR E 75 13.60 -27.10 -1.96
CA THR E 75 14.88 -26.83 -1.31
C THR E 75 15.53 -25.56 -1.85
N VAL E 76 15.51 -25.38 -3.17
CA VAL E 76 16.15 -24.20 -3.76
C VAL E 76 15.43 -22.93 -3.32
N PHE E 77 14.13 -22.96 -3.24
CA PHE E 77 13.42 -21.78 -2.79
C PHE E 77 13.67 -21.63 -1.31
N ARG E 78 13.80 -22.72 -0.59
CA ARG E 78 13.97 -22.63 0.85
C ARG E 78 15.28 -21.93 1.22
N TYR E 79 16.39 -22.37 0.62
CA TYR E 79 17.69 -21.85 1.02
C TYR E 79 17.97 -20.45 0.48
N ILE E 80 17.37 -20.09 -0.66
CA ILE E 80 17.51 -18.72 -1.15
C ILE E 80 16.91 -17.73 -0.17
N ASP E 81 15.76 -18.08 0.42
CA ASP E 81 15.16 -17.23 1.44
C ASP E 81 16.07 -17.11 2.66
N TRP E 82 16.66 -18.23 3.09
CA TRP E 82 17.58 -18.19 4.22
C TRP E 82 18.82 -17.36 3.90
N LEU E 83 19.31 -17.48 2.66
CA LEU E 83 20.48 -16.70 2.26
C LEU E 83 20.22 -15.21 2.32
N LEU E 84 18.95 -14.80 2.26
CA LEU E 84 18.60 -13.39 2.28
C LEU E 84 18.14 -12.91 3.64
N THR E 85 17.52 -13.78 4.44
CA THR E 85 16.96 -13.39 5.73
C THR E 85 17.89 -13.63 6.91
N VAL E 86 18.74 -14.66 6.84
CA VAL E 86 19.67 -14.92 7.95
C VAL E 86 20.63 -13.75 8.17
N PRO E 87 21.24 -13.16 7.15
CA PRO E 87 22.07 -11.96 7.43
C PRO E 87 21.29 -10.82 8.07
N LEU E 88 20.02 -10.64 7.69
CA LEU E 88 19.23 -9.58 8.31
C LEU E 88 18.94 -9.87 9.77
N LEU E 89 18.75 -11.14 10.12
CA LEU E 89 18.56 -11.50 11.52
C LEU E 89 19.83 -11.26 12.33
N ILE E 90 20.99 -11.54 11.73
CA ILE E 90 22.25 -11.23 12.40
C ILE E 90 22.43 -9.73 12.56
N CYS E 91 21.93 -8.96 11.59
CA CYS E 91 21.97 -7.50 11.70
C CYS E 91 21.16 -7.01 12.90
N GLU E 92 20.18 -7.78 13.37
CA GLU E 92 19.39 -7.36 14.52
C GLU E 92 20.25 -7.26 15.77
N PHE E 93 21.24 -8.14 15.91
CA PHE E 93 22.14 -8.06 17.06
C PHE E 93 22.93 -6.76 17.04
N TYR E 94 23.37 -6.34 15.84
CA TYR E 94 24.08 -5.07 15.73
C TYR E 94 23.15 -3.89 16.00
N LEU E 95 21.93 -3.94 15.48
CA LEU E 95 21.04 -2.78 15.57
C LEU E 95 20.61 -2.50 17.01
N ILE E 96 20.27 -3.55 17.77
CA ILE E 96 19.82 -3.32 19.14
C ILE E 96 20.96 -2.81 20.00
N LEU E 97 22.18 -3.31 19.78
CA LEU E 97 23.33 -2.80 20.51
C LEU E 97 23.74 -1.42 20.02
N ALA E 98 23.27 -1.00 18.85
CA ALA E 98 23.55 0.34 18.36
C ALA E 98 22.49 1.34 18.81
N ALA E 99 21.23 0.90 18.91
CA ALA E 99 20.16 1.76 19.38
C ALA E 99 20.13 1.86 20.90
N ALA E 100 20.95 1.10 21.61
CA ALA E 100 21.06 1.17 23.05
C ALA E 100 22.45 1.57 23.53
N THR E 101 23.50 1.08 22.86
CA THR E 101 24.87 1.40 23.25
C THR E 101 25.68 1.86 22.05
N ASN E 102 26.99 1.98 22.23
CA ASN E 102 27.92 2.37 21.16
C ASN E 102 28.81 1.16 20.86
N VAL E 103 28.50 0.47 19.76
CA VAL E 103 29.20 -0.75 19.37
C VAL E 103 29.77 -0.57 17.97
N ALA E 104 31.04 -0.94 17.80
CA ALA E 104 31.66 -0.88 16.49
C ALA E 104 31.03 -1.91 15.54
N GLY E 105 30.82 -3.13 16.02
CA GLY E 105 30.16 -4.16 15.25
C GLY E 105 31.06 -5.21 14.63
N SER E 106 32.17 -5.56 15.27
CA SER E 106 33.03 -6.60 14.72
C SER E 106 32.44 -7.99 14.91
N LEU E 107 31.60 -8.17 15.94
CA LEU E 107 30.96 -9.46 16.15
C LEU E 107 30.00 -9.80 15.01
N PHE E 108 29.52 -8.79 14.30
CA PHE E 108 28.63 -9.03 13.17
C PHE E 108 29.32 -9.86 12.09
N LYS E 109 30.59 -9.56 11.81
CA LYS E 109 31.31 -10.29 10.78
C LYS E 109 31.52 -11.74 11.16
N LYS E 110 31.88 -12.01 12.42
CA LYS E 110 32.13 -13.37 12.84
C LYS E 110 30.86 -14.22 12.82
N LEU E 111 29.74 -13.64 13.24
CA LEU E 111 28.47 -14.37 13.17
C LEU E 111 28.02 -14.58 11.73
N LEU E 112 28.19 -13.55 10.89
CA LEU E 112 27.75 -13.65 9.50
C LEU E 112 28.51 -14.74 8.75
N VAL E 113 29.83 -14.81 8.96
CA VAL E 113 30.63 -15.84 8.29
C VAL E 113 30.19 -17.23 8.75
N GLY E 114 29.96 -17.40 10.06
CA GLY E 114 29.49 -18.67 10.56
C GLY E 114 28.12 -19.04 10.04
N SER E 115 27.23 -18.04 9.93
CA SER E 115 25.88 -18.30 9.43
C SER E 115 25.92 -18.74 7.96
N LEU E 116 26.74 -18.09 7.14
CA LEU E 116 26.83 -18.45 5.73
C LEU E 116 27.36 -19.87 5.56
N VAL E 117 28.34 -20.25 6.38
CA VAL E 117 28.86 -21.62 6.30
C VAL E 117 27.78 -22.63 6.63
N MET E 118 26.97 -22.35 7.65
CA MET E 118 25.89 -23.25 8.02
C MET E 118 24.84 -23.38 6.94
N LEU E 119 24.63 -22.33 6.13
CA LEU E 119 23.67 -22.37 5.04
C LEU E 119 24.24 -22.94 3.75
N VAL E 120 25.49 -22.61 3.41
CA VAL E 120 26.09 -23.11 2.17
C VAL E 120 26.21 -24.62 2.22
N PHE E 121 26.73 -25.15 3.34
CA PHE E 121 26.86 -26.60 3.46
C PHE E 121 25.51 -27.27 3.63
N GLY E 122 24.56 -26.61 4.27
CA GLY E 122 23.23 -27.18 4.43
C GLY E 122 22.53 -27.40 3.11
N TYR E 123 22.64 -26.43 2.19
CA TYR E 123 22.03 -26.59 0.87
C TYR E 123 22.70 -27.71 0.08
N MET E 124 24.03 -27.83 0.20
CA MET E 124 24.75 -28.86 -0.54
C MET E 124 24.32 -30.26 -0.10
N GLY E 125 24.11 -30.44 1.20
CA GLY E 125 23.69 -31.75 1.69
C GLY E 125 22.34 -32.17 1.16
N GLU E 126 21.42 -31.22 1.01
CA GLU E 126 20.07 -31.47 0.52
C GLU E 126 20.03 -31.57 -1.00
N ALA E 127 21.12 -31.22 -1.63
CA ALA E 127 21.25 -31.37 -3.08
C ALA E 127 22.13 -32.55 -3.47
N GLY E 128 22.59 -33.34 -2.51
CA GLY E 128 23.42 -34.49 -2.79
C GLY E 128 24.91 -34.22 -2.78
N ILE E 129 25.34 -32.97 -2.68
CA ILE E 129 26.76 -32.64 -2.67
C ILE E 129 27.33 -32.96 -1.29
N MET E 130 28.44 -33.70 -1.28
CA MET E 130 29.11 -34.12 -0.05
C MET E 130 28.18 -34.94 0.83
N ALA E 131 27.37 -35.78 0.19
CA ALA E 131 26.43 -36.69 0.86
C ALA E 131 25.52 -35.87 1.76
N ALA E 132 25.10 -36.44 2.88
CA ALA E 132 24.26 -35.74 3.85
C ALA E 132 24.82 -35.79 5.26
N TRP E 133 25.42 -36.91 5.66
CA TRP E 133 26.01 -37.00 7.00
C TRP E 133 27.16 -36.00 7.20
N PRO E 134 28.15 -35.89 6.31
CA PRO E 134 29.17 -34.85 6.52
C PRO E 134 28.60 -33.44 6.55
N ALA E 135 27.57 -33.17 5.75
CA ALA E 135 26.96 -31.85 5.76
C ALA E 135 26.30 -31.54 7.10
N PHE E 136 25.65 -32.54 7.69
CA PHE E 136 25.05 -32.34 9.01
C PHE E 136 26.08 -32.00 10.06
N ILE E 137 27.24 -32.68 10.03
CA ILE E 137 28.30 -32.41 10.99
C ILE E 137 28.86 -31.00 10.77
N ILE E 138 29.15 -30.65 9.52
CA ILE E 138 29.71 -29.33 9.23
C ILE E 138 28.72 -28.24 9.58
N GLY E 139 27.45 -28.43 9.22
CA GLY E 139 26.43 -27.44 9.58
C GLY E 139 26.29 -27.28 11.08
N CYS E 140 26.44 -28.38 11.83
CA CYS E 140 26.40 -28.31 13.28
C CYS E 140 27.58 -27.50 13.82
N LEU E 141 28.78 -27.72 13.27
CA LEU E 141 29.97 -27.04 13.78
C LEU E 141 29.88 -25.53 13.57
N ALA E 142 29.38 -25.10 12.40
CA ALA E 142 29.16 -23.67 12.18
C ALA E 142 28.13 -23.13 13.16
N TRP E 143 27.12 -23.94 13.50
CA TRP E 143 26.16 -23.56 14.52
C TRP E 143 26.80 -23.55 15.90
N VAL E 144 27.77 -24.45 16.13
CA VAL E 144 28.49 -24.44 17.40
C VAL E 144 29.38 -23.20 17.51
N TYR E 145 29.97 -22.78 16.40
CA TYR E 145 30.74 -21.53 16.41
C TYR E 145 29.84 -20.34 16.66
N MET E 146 28.59 -20.42 16.22
CA MET E 146 27.66 -19.30 16.39
C MET E 146 27.37 -19.02 17.85
N ILE E 147 27.13 -20.08 18.61
CA ILE E 147 26.83 -19.96 20.04
C ILE E 147 28.02 -19.54 20.88
N TYR E 148 29.22 -19.91 20.46
CA TYR E 148 30.43 -19.57 21.20
C TYR E 148 30.72 -18.08 21.15
N GLU E 149 30.52 -17.46 19.99
CA GLU E 149 30.83 -16.03 19.86
C GLU E 149 29.82 -15.17 20.60
N LEU E 150 28.61 -15.68 20.83
CA LEU E 150 27.64 -14.93 21.62
C LEU E 150 27.96 -14.99 23.11
N TRP E 151 28.49 -16.11 23.59
CA TRP E 151 28.93 -16.18 24.99
C TRP E 151 30.09 -15.22 25.24
N ALA E 152 31.05 -15.17 24.31
CA ALA E 152 32.23 -14.33 24.45
C ALA E 152 32.46 -13.61 23.13
N GLY E 153 32.40 -12.27 23.16
CA GLY E 153 32.60 -11.49 21.95
C GLY E 153 32.35 -10.02 22.25
N GLU E 154 32.34 -9.23 21.16
CA GLU E 154 32.08 -7.81 21.29
C GLU E 154 30.66 -7.56 21.79
N GLY E 155 29.70 -8.37 21.35
CA GLY E 155 28.33 -8.21 21.81
C GLY E 155 28.19 -8.43 23.30
N LYS E 156 28.86 -9.45 23.84
CA LYS E 156 28.83 -9.69 25.28
C LYS E 156 29.42 -8.51 26.04
N SER E 157 30.53 -7.96 25.53
CA SER E 157 31.08 -6.75 26.14
C SER E 157 30.12 -5.57 25.99
N ALA E 158 29.48 -5.44 24.82
CA ALA E 158 28.54 -4.35 24.60
C ALA E 158 27.27 -4.53 25.42
N CYS E 159 26.80 -5.77 25.57
CA CYS E 159 25.57 -6.01 26.32
C CYS E 159 25.72 -5.68 27.80
N ASN E 160 26.95 -5.72 28.32
CA ASN E 160 27.17 -5.45 29.74
C ASN E 160 26.78 -4.01 30.10
N THR E 161 27.11 -3.06 29.23
CA THR E 161 26.85 -1.65 29.51
C THR E 161 25.44 -1.21 29.15
N ALA E 162 24.61 -2.09 28.61
CA ALA E 162 23.28 -1.72 28.18
C ALA E 162 22.30 -1.72 29.36
N SER E 163 21.09 -1.26 29.10
CA SER E 163 20.05 -1.24 30.13
C SER E 163 19.58 -2.66 30.42
N PRO E 164 19.03 -2.89 31.62
CA PRO E 164 18.54 -4.24 31.95
C PRO E 164 17.47 -4.75 30.99
N ALA E 165 16.65 -3.85 30.44
CA ALA E 165 15.67 -4.27 29.45
C ALA E 165 16.35 -4.78 28.18
N VAL E 166 17.39 -4.09 27.72
CA VAL E 166 18.12 -4.52 26.54
C VAL E 166 18.87 -5.81 26.82
N GLN E 167 19.44 -5.95 28.03
CA GLN E 167 20.16 -7.17 28.37
C GLN E 167 19.25 -8.38 28.34
N SER E 168 18.03 -8.24 28.85
CA SER E 168 17.08 -9.35 28.81
C SER E 168 16.75 -9.73 27.38
N ALA E 169 16.56 -8.73 26.50
CA ALA E 169 16.31 -9.02 25.10
C ALA E 169 17.49 -9.72 24.45
N TYR E 170 18.71 -9.23 24.73
CA TYR E 170 19.90 -9.84 24.14
C TYR E 170 20.05 -11.29 24.57
N ASN E 171 19.79 -11.59 25.85
CA ASN E 171 19.83 -12.97 26.30
C ASN E 171 18.74 -13.81 25.65
N THR E 172 17.54 -13.25 25.50
CA THR E 172 16.46 -13.98 24.85
C THR E 172 16.77 -14.25 23.38
N MET E 173 17.33 -13.25 22.69
CA MET E 173 17.73 -13.45 21.30
C MET E 173 18.82 -14.51 21.19
N MET E 174 19.76 -14.51 22.14
CA MET E 174 20.80 -15.54 22.13
C MET E 174 20.21 -16.93 22.33
N TYR E 175 19.21 -17.02 23.21
CA TYR E 175 18.55 -18.29 23.45
C TYR E 175 17.91 -18.79 22.15
N ILE E 176 17.23 -17.88 21.45
CA ILE E 176 16.60 -18.24 20.18
C ILE E 176 17.64 -18.83 19.23
N ILE E 177 18.85 -18.28 19.24
CA ILE E 177 19.94 -18.87 18.47
C ILE E 177 20.25 -20.27 18.98
N ILE E 178 20.16 -20.43 20.30
CA ILE E 178 20.45 -21.72 20.93
C ILE E 178 19.42 -22.80 20.67
N PHE E 179 18.17 -22.55 21.03
CA PHE E 179 17.09 -23.51 20.86
C PHE E 179 16.48 -23.42 19.47
N GLY E 180 16.12 -22.21 19.04
CA GLY E 180 15.40 -22.06 17.80
C GLY E 180 16.19 -22.52 16.59
N TRP E 181 17.45 -22.13 16.51
CA TRP E 181 18.27 -22.53 15.36
C TRP E 181 18.66 -24.00 15.47
N ALA E 182 18.47 -24.60 16.65
CA ALA E 182 18.78 -26.02 16.80
C ALA E 182 17.73 -26.90 16.13
N ILE E 183 16.52 -26.36 15.90
CA ILE E 183 15.46 -27.18 15.32
C ILE E 183 15.68 -27.40 13.83
N TYR E 184 16.47 -26.56 13.16
CA TYR E 184 16.78 -26.81 11.76
C TYR E 184 17.55 -28.10 11.56
N PRO E 185 18.64 -28.39 12.31
CA PRO E 185 19.25 -29.72 12.19
C PRO E 185 18.31 -30.85 12.56
N VAL E 186 17.34 -30.61 13.43
CA VAL E 186 16.35 -31.64 13.75
C VAL E 186 15.55 -31.99 12.51
N GLY E 187 15.09 -30.98 11.77
CA GLY E 187 14.40 -31.24 10.52
C GLY E 187 15.30 -31.85 9.47
N TYR E 188 16.56 -31.41 9.43
CA TYR E 188 17.53 -32.01 8.52
C TYR E 188 17.77 -33.47 8.86
N PHE E 189 17.89 -33.79 10.15
CA PHE E 189 18.03 -35.18 10.55
C PHE E 189 16.78 -36.00 10.23
N THR E 190 15.61 -35.42 10.47
CA THR E 190 14.37 -36.13 10.21
C THR E 190 14.17 -36.39 8.72
N GLY E 191 14.48 -35.41 7.88
CA GLY E 191 14.22 -35.52 6.46
C GLY E 191 15.24 -36.33 5.67
N TYR E 192 16.36 -36.69 6.28
CA TYR E 192 17.39 -37.48 5.59
C TYR E 192 17.98 -38.60 6.41
N LEU E 193 17.59 -38.77 7.66
CA LEU E 193 18.13 -39.84 8.50
C LEU E 193 17.05 -40.43 9.40
N SER E 199 9.56 -38.47 5.38
CA SER E 199 10.84 -37.78 5.22
C SER E 199 10.63 -36.34 4.77
N ALA E 200 10.21 -36.17 3.52
CA ALA E 200 9.97 -34.84 2.99
C ALA E 200 8.80 -34.16 3.71
N LEU E 201 7.76 -34.91 4.03
CA LEU E 201 6.60 -34.34 4.71
C LEU E 201 7.00 -33.76 6.07
N ASN E 202 7.79 -34.51 6.85
CA ASN E 202 8.18 -34.05 8.17
C ASN E 202 9.21 -32.93 8.08
N LEU E 203 10.12 -33.00 7.11
CA LEU E 203 11.15 -31.97 6.98
C LEU E 203 10.53 -30.62 6.68
N ASN E 204 9.56 -30.57 5.77
CA ASN E 204 8.90 -29.31 5.46
C ASN E 204 8.07 -28.81 6.64
N LEU E 205 7.43 -29.74 7.36
CA LEU E 205 6.64 -29.34 8.53
C LEU E 205 7.51 -28.68 9.59
N ILE E 206 8.67 -29.26 9.87
CA ILE E 206 9.57 -28.70 10.88
C ILE E 206 10.10 -27.34 10.42
N TYR E 207 10.48 -27.24 9.15
CA TYR E 207 11.01 -25.97 8.65
C TYR E 207 9.96 -24.87 8.69
N ASN E 208 8.71 -25.24 8.46
CA ASN E 208 7.61 -24.28 8.50
C ASN E 208 7.45 -23.76 9.93
N LEU E 209 7.46 -24.67 10.90
CA LEU E 209 7.34 -24.29 12.30
C LEU E 209 8.57 -23.55 12.78
N ALA E 210 9.72 -23.84 12.19
CA ALA E 210 10.95 -23.17 12.60
C ALA E 210 10.90 -21.67 12.32
N ASP E 211 10.38 -21.30 11.14
CA ASP E 211 10.29 -19.88 10.80
C ASP E 211 9.23 -19.18 11.62
N PHE E 212 8.33 -19.95 12.25
CA PHE E 212 7.36 -19.36 13.15
C PHE E 212 8.03 -18.81 14.40
N VAL E 213 9.11 -19.48 14.83
CA VAL E 213 9.80 -19.05 16.05
C VAL E 213 10.96 -18.12 15.70
N ASN E 214 11.80 -18.53 14.74
CA ASN E 214 13.05 -17.83 14.51
C ASN E 214 12.86 -16.53 13.73
N LYS E 215 11.66 -16.32 13.18
CA LYS E 215 11.41 -15.11 12.39
C LYS E 215 10.32 -14.22 12.97
N ILE E 216 9.37 -14.81 13.69
CA ILE E 216 8.27 -14.07 14.28
C ILE E 216 8.52 -13.81 15.76
N LEU E 217 8.86 -14.86 16.52
CA LEU E 217 9.18 -14.67 17.93
C LEU E 217 10.45 -13.84 18.09
N PHE E 218 11.39 -13.99 17.16
CA PHE E 218 12.59 -13.16 17.18
C PHE E 218 12.25 -11.69 17.01
N GLY E 219 11.33 -11.39 16.09
CA GLY E 219 10.95 -10.01 15.86
C GLY E 219 10.05 -9.45 16.95
N LEU E 220 9.34 -10.32 17.66
CA LEU E 220 8.51 -9.85 18.76
C LEU E 220 9.33 -9.47 19.97
N ILE E 221 10.48 -10.13 20.16
CA ILE E 221 11.40 -9.73 21.21
C ILE E 221 11.98 -8.35 20.94
N ILE E 222 12.29 -8.07 19.67
CA ILE E 222 12.80 -6.75 19.30
C ILE E 222 11.75 -5.68 19.55
N TRP E 223 10.49 -5.97 19.18
CA TRP E 223 9.43 -4.99 19.37
C TRP E 223 9.18 -4.72 20.84
N ASN E 224 9.21 -5.77 21.67
CA ASN E 224 8.93 -5.59 23.09
C ASN E 224 9.97 -4.71 23.76
N VAL E 225 11.26 -4.93 23.45
CA VAL E 225 12.30 -4.15 24.08
C VAL E 225 12.32 -2.72 23.53
N ALA E 226 12.02 -2.56 22.25
CA ALA E 226 12.00 -1.22 21.67
C ALA E 226 10.87 -0.38 22.26
N VAL E 227 9.71 -0.98 22.49
CA VAL E 227 8.58 -0.24 23.04
C VAL E 227 8.84 0.14 24.49
N LYS E 228 9.43 -0.77 25.26
CA LYS E 228 9.75 -0.45 26.66
C LYS E 228 10.74 0.70 26.76
N GLU E 229 11.77 0.69 25.90
CA GLU E 229 12.76 1.74 25.93
C GLU E 229 12.19 3.07 25.43
N SER E 230 11.37 3.02 24.38
CA SER E 230 10.83 4.25 23.81
C SER E 230 9.87 4.92 24.78
N SER E 231 9.05 4.15 25.50
CA SER E 231 8.12 4.75 26.45
C SER E 231 8.85 5.46 27.58
N ASN E 232 10.03 4.96 27.95
CA ASN E 232 10.82 5.63 28.98
C ASN E 232 11.22 7.03 28.55
N ALA E 233 11.66 7.17 27.29
CA ALA E 233 11.99 8.50 26.77
C ALA E 233 10.73 9.30 26.47
N GLY E 234 9.68 8.64 25.98
CA GLY E 234 8.45 9.31 25.65
C GLY E 234 8.32 9.62 24.16
C1 DKA F . -14.46 -16.76 17.52
O1 DKA F . -14.77 -16.85 16.31
C2 DKA F . -14.38 -18.04 18.29
C3 DKA F . -15.11 -19.12 17.54
C4 DKA F . -15.32 -20.24 18.54
C5 DKA F . -16.26 -21.31 18.04
C6 DKA F . -16.77 -22.04 19.26
C7 DKA F . -17.67 -23.19 18.88
C8 DKA F . -18.30 -23.82 20.11
C9 DKA F . -19.15 -25.00 19.68
C10 DKA F . -20.00 -25.51 20.82
O2 DKA F . -13.93 -15.68 18.00
C1 DKA G . -27.41 6.41 -2.10
O1 DKA G . -26.90 5.87 -3.09
C2 DKA G . -28.78 5.95 -1.69
C3 DKA G . -29.42 5.24 -2.86
C4 DKA G . -30.89 5.17 -2.52
C5 DKA G . -31.74 4.71 -3.69
C6 DKA G . -33.16 5.18 -3.40
C7 DKA G . -34.12 4.71 -4.47
C8 DKA G . -35.50 5.30 -4.25
C9 DKA G . -36.43 4.77 -5.33
C10 DKA G . -37.75 5.51 -5.32
O2 DKA G . -26.68 7.09 -1.25
C1 DKA H . -3.40 17.79 -21.65
O1 DKA H . -3.08 16.64 -21.95
C2 DKA H . -4.44 18.46 -22.50
C3 DKA H . -4.55 17.72 -23.82
C4 DKA H . -5.29 18.65 -24.74
C5 DKA H . -5.28 18.19 -26.18
C6 DKA H . -5.56 19.40 -27.03
C7 DKA H . -5.66 19.04 -28.50
C8 DKA H . -5.80 20.30 -29.34
C9 DKA H . -5.92 19.89 -30.81
C10 DKA H . -5.82 21.08 -31.73
O2 DKA H . -3.12 18.30 -20.48
C1 DKA I . 24.38 1.66 -14.14
O1 DKA I . 23.78 0.58 -14.21
C2 DKA I . 24.99 2.20 -15.39
C3 DKA I . 25.14 1.07 -16.38
C4 DKA I . 26.11 1.57 -17.43
C5 DKA I . 26.57 0.49 -18.37
C6 DKA I . 27.86 0.97 -18.99
C7 DKA I . 28.38 0.00 -20.02
C8 DKA I . 29.75 0.42 -20.51
C9 DKA I . 30.21 -0.56 -21.58
C10 DKA I . 31.66 -0.34 -21.94
O2 DKA I . 24.20 2.46 -13.12
C1 DKA J . 17.55 -19.70 10.07
O1 DKA J . 16.57 -20.13 9.44
C2 DKA J . 18.86 -20.36 9.82
C3 DKA J . 18.62 -21.71 9.18
C4 DKA J . 19.92 -22.47 9.32
C5 DKA J . 19.78 -23.92 8.95
C6 DKA J . 20.94 -24.65 9.62
C7 DKA J . 20.97 -26.11 9.26
C8 DKA J . 22.03 -26.84 10.05
C9 DKA J . 22.05 -28.31 9.62
C10 DKA J . 22.91 -29.14 10.53
O2 DKA J . 17.52 -18.54 10.66
#